data_8VSU
#
_entry.id   8VSU
#
_cell.length_a   1.00
_cell.length_b   1.00
_cell.length_c   1.00
_cell.angle_alpha   90.00
_cell.angle_beta   90.00
_cell.angle_gamma   90.00
#
_symmetry.space_group_name_H-M   'P 1'
#
loop_
_entity.id
_entity.type
_entity.pdbx_description
1 polymer 'Calcium-binding protein 39'
2 polymer 'Serine/threonine-protein kinase STK11'
3 polymer 'Isoform 3 of STE20-related kinase adapter protein alpha'
4 non-polymer "ADENOSINE-5'-DIPHOSPHATE"
#
loop_
_entity_poly.entity_id
_entity_poly.type
_entity_poly.pdbx_seq_one_letter_code
_entity_poly.pdbx_strand_id
1 'polypeptide(L)'
;MPFPFGKSHKSPADIVKNLKESMAVLEKQDISDKKAEKATEEVSKNLVAMKEILYGTNEKEPQTEAVAQLAQELYNSGLL
STLVADLQLIDFEGKKDVAQIFNNILRRQIGTRTPTVEYICTQQNILFMLLKGYESPEIALNCGIMLRECIRHEPLAKII
LWSEQFYDFFRYVEMSTFDIASDAFATFKDLLTRHKLLSAEFLEQHYDRFFSEYEKLLHSENYVTKRQSLKLLGELLLDR
HNFTIMTKYISKPENLKLMMNLLRDKSRNIQFEAFHVFKVFVANPNKTQPILDILLKNQAKLIEFLSKFQNDRTEDEQFN
DEKTYLVKQIRDLKRPAQQEAGSGATNFSLLKQAGDVEENPG
;
A
2 'polypeptide(L)'
;PDYKDDDDKENLYFQGMEVVDPQQLGMFTEGELMSVGMDTFIHRIDSTEVIYQPRRKRAKLIGKYLMGDLLGEGSYGKVK
EVLDSETLCRRAVKILKKKKLRRIPNGEANVKKEIQLLRRLRHKNVIQLVDVLYNEEKQKMYMVMEYCVCGMQEMLDSVP
EKRFPVCQAHGYFCQLIDGLEYLHSQGIVHKDIKPGNLLLTTGGTLKISDLGVAEALHPFAADDTCRTSQGSPAFQPPEI
ANGLDTFSGFKVDIWSAGVTLYNITTGLYPFEGDNIYKLFENIGKGSYAIPGDCGPPLSDLLKGMLEYEPAKRFSIRQIR
QHSWFRKKHPPAEAPVPIPPSPDTKDRWRSMTVVPYLEDLHGADEDEDLFDIEDDIIYTQDFTVPGQVPEEEASHNGQRR
GLPKAVCMNGTEAAQLSTKSRAEGRAPNPARKACSASSKIRRLSACKQQ
;
C
3 'polypeptide(L)'
;PHHHHHHENLYFQGMSFLTNDASSESIASFSKQEVMSSFLPEGGCYELLTVIGKGFEDLMTVNLARYKPTGEYVTVRRIN
LEACSNEMVTFLQGELHVSKLFNHPNIVPYRATFIADNELWVVTSFMAYGSAKDLICTHFMDGMNELAIAYILQGVLKAL
DYIHHMGYVHRSVKASHILISVDGKVYLSGLRSNLSMISHGQRQRVVHDFPKYSVKVLPWLSPEVLQQNLQGYDAKSDIY
SVGITACELANGHVPFKDMPATQMLLEKLNGTVPCLLDTSTIPAEELTMSPSRSVANSGLSDSLTTSTPRPSNGDSPSHP
YHRTFSPHFHHFVEQCLQRNPDARPSASTLLNHSFFKQIKRRASEALPELLRPVTPITNFEGSQSQDHSGIFGLVTNLEE
LEVDDWEFGSGATNFSLLKQAGDVEENPG
;
B
#
loop_
_chem_comp.id
_chem_comp.type
_chem_comp.name
_chem_comp.formula
ADP non-polymer ADENOSINE-5'-DIPHOSPHATE 'C10 H15 N5 O10 P2'
#
# COMPACT_ATOMS: atom_id res chain seq x y z
N HIS A 9 4.28 41.72 6.81
CA HIS A 9 4.73 40.32 6.79
C HIS A 9 5.82 40.12 5.72
N LYS A 10 6.74 39.18 5.92
CA LYS A 10 7.87 38.91 5.01
C LYS A 10 7.42 38.29 3.68
N SER A 11 8.07 38.69 2.59
CA SER A 11 7.82 38.13 1.25
C SER A 11 8.61 36.83 1.01
N PRO A 12 8.26 36.05 -0.03
CA PRO A 12 9.11 34.96 -0.51
C PRO A 12 10.55 35.38 -0.81
N ALA A 13 10.76 36.57 -1.37
CA ALA A 13 12.10 37.07 -1.68
C ALA A 13 12.92 37.39 -0.42
N ASP A 14 12.27 37.85 0.67
CA ASP A 14 12.91 37.97 1.98
C ASP A 14 13.26 36.59 2.56
N ILE A 15 12.33 35.64 2.54
CA ILE A 15 12.50 34.31 3.13
C ILE A 15 13.60 33.51 2.41
N VAL A 16 13.65 33.56 1.07
CA VAL A 16 14.73 32.94 0.28
C VAL A 16 16.08 33.58 0.60
N LYS A 17 16.16 34.91 0.71
CA LYS A 17 17.40 35.60 1.13
C LYS A 17 17.81 35.25 2.57
N ASN A 18 16.88 35.17 3.51
CA ASN A 18 17.19 34.70 4.88
C ASN A 18 17.79 33.30 4.86
N LEU A 19 17.09 32.31 4.27
CA LEU A 19 17.55 30.93 4.28
C LEU A 19 18.87 30.77 3.52
N LYS A 20 19.07 31.50 2.42
CA LYS A 20 20.35 31.52 1.69
C LYS A 20 21.50 31.97 2.59
N GLU A 21 21.36 33.08 3.28
CA GLU A 21 22.42 33.61 4.15
C GLU A 21 22.67 32.73 5.38
N SER A 22 21.64 32.23 6.06
CA SER A 22 21.84 31.35 7.22
C SER A 22 22.50 30.02 6.82
N MET A 23 22.14 29.43 5.68
CA MET A 23 22.88 28.28 5.15
C MET A 23 24.35 28.61 4.88
N ALA A 24 24.65 29.79 4.34
CA ALA A 24 26.03 30.24 4.10
C ALA A 24 26.82 30.50 5.40
N VAL A 25 26.17 30.74 6.54
CA VAL A 25 26.85 30.74 7.86
C VAL A 25 27.15 29.31 8.32
N LEU A 26 26.17 28.39 8.22
CA LEU A 26 26.40 26.98 8.56
C LEU A 26 27.49 26.33 7.69
N GLU A 27 27.68 26.76 6.44
CA GLU A 27 28.63 26.18 5.48
C GLU A 27 30.07 26.13 6.00
N LYS A 28 30.48 27.06 6.87
CA LYS A 28 31.86 27.19 7.36
C LYS A 28 32.01 26.99 8.88
N GLN A 29 31.19 27.68 9.69
CA GLN A 29 31.23 27.66 11.16
C GLN A 29 32.65 27.86 11.74
N ASP A 30 33.38 28.85 11.22
CA ASP A 30 34.69 29.27 11.76
C ASP A 30 34.55 30.05 13.09
N ILE A 31 33.45 30.79 13.26
CA ILE A 31 33.05 31.40 14.54
C ILE A 31 32.50 30.32 15.50
N SER A 32 32.69 30.53 16.81
CA SER A 32 32.25 29.61 17.87
C SER A 32 30.72 29.42 17.96
N ASP A 33 30.31 28.41 18.73
CA ASP A 33 28.95 27.89 18.82
C ASP A 33 27.86 28.94 19.06
N LYS A 34 28.20 30.05 19.73
CA LYS A 34 27.31 31.18 19.98
C LYS A 34 26.69 31.77 18.70
N LYS A 35 27.39 31.70 17.56
CA LYS A 35 26.85 32.03 16.23
C LYS A 35 26.19 30.83 15.53
N ALA A 36 26.74 29.63 15.68
CA ALA A 36 26.20 28.42 15.03
C ALA A 36 24.78 28.05 15.53
N GLU A 37 24.49 28.20 16.82
CA GLU A 37 23.15 27.96 17.36
C GLU A 37 22.13 28.95 16.79
N LYS A 38 22.49 30.23 16.68
CA LYS A 38 21.65 31.26 16.04
C LYS A 38 21.40 30.93 14.57
N ALA A 39 22.43 30.55 13.83
CA ALA A 39 22.29 30.16 12.43
C ALA A 39 21.43 28.90 12.25
N THR A 40 21.56 27.92 13.15
CA THR A 40 20.73 26.71 13.12
C THR A 40 19.26 27.02 13.40
N GLU A 41 18.99 27.87 14.39
CA GLU A 41 17.63 28.35 14.66
C GLU A 41 17.06 29.15 13.47
N GLU A 42 17.84 30.00 12.82
CA GLU A 42 17.38 30.72 11.62
C GLU A 42 17.02 29.76 10.48
N VAL A 43 17.84 28.75 10.20
CA VAL A 43 17.53 27.74 9.18
C VAL A 43 16.23 27.01 9.51
N SER A 44 16.04 26.58 10.75
CA SER A 44 14.79 25.94 11.17
C SER A 44 13.57 26.85 11.01
N LYS A 45 13.64 28.10 11.49
CA LYS A 45 12.53 29.06 11.40
C LYS A 45 12.17 29.39 9.95
N ASN A 46 13.16 29.61 9.07
CA ASN A 46 12.89 29.93 7.68
C ASN A 46 12.39 28.71 6.86
N LEU A 47 12.78 27.48 7.20
CA LEU A 47 12.19 26.29 6.57
C LEU A 47 10.70 26.12 6.93
N VAL A 48 10.29 26.41 8.17
CA VAL A 48 8.85 26.47 8.51
C VAL A 48 8.16 27.63 7.80
N ALA A 49 8.77 28.81 7.70
CA ALA A 49 8.18 29.94 6.96
C ALA A 49 7.95 29.62 5.47
N MET A 50 8.88 28.92 4.81
CA MET A 50 8.65 28.42 3.44
C MET A 50 7.50 27.41 3.39
N LYS A 51 7.47 26.43 4.28
CA LYS A 51 6.44 25.38 4.24
C LYS A 51 5.04 25.94 4.46
N GLU A 52 4.87 26.99 5.27
CA GLU A 52 3.60 27.72 5.40
C GLU A 52 3.13 28.40 4.10
N ILE A 53 4.02 28.85 3.21
CA ILE A 53 3.62 29.40 1.91
C ILE A 53 3.09 28.28 0.98
N LEU A 54 3.71 27.10 1.00
CA LEU A 54 3.36 25.99 0.11
C LEU A 54 2.15 25.17 0.59
N TYR A 55 2.04 24.88 1.89
CA TYR A 55 0.98 24.03 2.45
C TYR A 55 -0.10 24.81 3.21
N GLY A 56 0.10 26.11 3.50
CA GLY A 56 -0.88 26.96 4.17
C GLY A 56 -1.15 26.59 5.63
N THR A 57 -2.31 27.00 6.14
CA THR A 57 -2.87 26.63 7.44
C THR A 57 -4.39 26.40 7.32
N ASN A 58 -5.03 25.77 8.30
CA ASN A 58 -6.44 25.36 8.20
C ASN A 58 -7.41 26.55 7.98
N GLU A 59 -7.11 27.71 8.55
CA GLU A 59 -7.91 28.95 8.39
C GLU A 59 -7.44 29.86 7.23
N LYS A 60 -6.33 29.52 6.54
CA LYS A 60 -5.71 30.34 5.49
C LYS A 60 -4.97 29.45 4.48
N GLU A 61 -5.67 29.04 3.43
CA GLU A 61 -5.17 28.15 2.38
C GLU A 61 -4.04 28.80 1.52
N PRO A 62 -3.21 28.00 0.82
CA PRO A 62 -2.17 28.52 -0.07
C PRO A 62 -2.69 29.52 -1.11
N GLN A 63 -1.96 30.62 -1.32
CA GLN A 63 -2.31 31.66 -2.29
C GLN A 63 -1.40 31.52 -3.53
N THR A 64 -1.99 31.43 -4.71
CA THR A 64 -1.27 31.06 -5.95
C THR A 64 -0.17 32.04 -6.34
N GLU A 65 -0.33 33.33 -6.04
CA GLU A 65 0.68 34.35 -6.29
C GLU A 65 1.94 34.16 -5.43
N ALA A 66 1.77 33.85 -4.13
CA ALA A 66 2.89 33.63 -3.22
C ALA A 66 3.69 32.36 -3.61
N VAL A 67 3.00 31.28 -3.99
CA VAL A 67 3.65 30.06 -4.49
C VAL A 67 4.42 30.33 -5.79
N ALA A 68 3.87 31.11 -6.72
CA ALA A 68 4.56 31.47 -7.96
C ALA A 68 5.84 32.28 -7.71
N GLN A 69 5.79 33.27 -6.82
CA GLN A 69 6.98 34.06 -6.45
C GLN A 69 8.03 33.22 -5.72
N LEU A 70 7.62 32.36 -4.77
CA LEU A 70 8.53 31.48 -4.05
C LEU A 70 9.22 30.49 -4.99
N ALA A 71 8.47 29.81 -5.85
CA ALA A 71 9.04 28.85 -6.79
C ALA A 71 10.03 29.51 -7.76
N GLN A 72 9.75 30.72 -8.24
CA GLN A 72 10.68 31.43 -9.13
C GLN A 72 11.97 31.86 -8.40
N GLU A 73 11.87 32.42 -7.18
CA GLU A 73 13.06 32.79 -6.41
C GLU A 73 13.92 31.59 -6.02
N LEU A 74 13.33 30.41 -5.82
CA LEU A 74 14.09 29.17 -5.61
C LEU A 74 14.81 28.66 -6.87
N TYR A 75 14.39 29.03 -8.09
CA TYR A 75 15.21 28.82 -9.29
C TYR A 75 16.30 29.89 -9.42
N ASN A 76 15.94 31.18 -9.24
CA ASN A 76 16.85 32.31 -9.40
C ASN A 76 18.04 32.25 -8.44
N SER A 77 17.80 31.91 -7.16
CA SER A 77 18.82 31.90 -6.11
C SER A 77 19.75 30.68 -6.10
N GLY A 78 19.40 29.58 -6.78
CA GLY A 78 20.12 28.32 -6.70
C GLY A 78 19.98 27.59 -5.35
N LEU A 79 19.03 27.99 -4.51
CA LEU A 79 18.89 27.46 -3.14
C LEU A 79 18.45 25.99 -3.13
N LEU A 80 17.72 25.49 -4.13
CA LEU A 80 17.39 24.04 -4.23
C LEU A 80 18.65 23.17 -4.35
N SER A 81 19.68 23.62 -5.07
CA SER A 81 20.97 22.92 -5.11
C SER A 81 21.71 22.98 -3.78
N THR A 82 21.64 24.13 -3.09
CA THR A 82 22.32 24.33 -1.79
C THR A 82 21.71 23.49 -0.68
N LEU A 83 20.38 23.43 -0.55
CA LEU A 83 19.72 22.62 0.49
C LEU A 83 19.97 21.12 0.32
N VAL A 84 20.04 20.61 -0.91
CA VAL A 84 20.39 19.21 -1.21
C VAL A 84 21.87 18.93 -0.95
N ALA A 85 22.78 19.84 -1.31
CA ALA A 85 24.22 19.66 -1.08
C ALA A 85 24.58 19.66 0.40
N ASP A 86 24.07 20.64 1.16
CA ASP A 86 24.37 20.83 2.59
C ASP A 86 23.37 20.19 3.55
N LEU A 87 22.61 19.17 3.13
CA LEU A 87 21.55 18.54 3.94
C LEU A 87 22.05 17.96 5.27
N GLN A 88 23.32 17.56 5.38
CA GLN A 88 23.92 17.11 6.64
C GLN A 88 23.98 18.17 7.75
N LEU A 89 23.96 19.47 7.41
CA LEU A 89 24.12 20.55 8.37
C LEU A 89 22.83 20.88 9.14
N ILE A 90 21.69 20.42 8.63
CA ILE A 90 20.34 20.74 9.14
C ILE A 90 19.93 19.75 10.25
N ASP A 91 19.13 20.18 11.22
CA ASP A 91 18.63 19.34 12.32
C ASP A 91 17.52 18.35 11.90
N PHE A 92 17.22 17.36 12.73
CA PHE A 92 16.33 16.22 12.40
C PHE A 92 14.95 16.61 11.82
N GLU A 93 14.22 17.51 12.48
CA GLU A 93 12.91 17.97 12.00
C GLU A 93 13.03 18.88 10.77
N GLY A 94 14.13 19.63 10.65
CA GLY A 94 14.41 20.48 9.50
C GLY A 94 14.70 19.68 8.23
N LYS A 95 15.38 18.54 8.31
CA LYS A 95 15.64 17.68 7.15
C LYS A 95 14.36 17.13 6.53
N LYS A 96 13.32 16.84 7.32
CA LYS A 96 11.98 16.47 6.82
C LYS A 96 11.27 17.65 6.17
N ASP A 97 11.46 18.88 6.64
CA ASP A 97 10.92 20.08 5.99
C ASP A 97 11.51 20.32 4.61
N VAL A 98 12.83 20.12 4.41
CA VAL A 98 13.45 20.18 3.08
C VAL A 98 12.86 19.16 2.11
N ALA A 99 12.60 17.92 2.53
CA ALA A 99 11.93 16.93 1.70
C ALA A 99 10.47 17.32 1.36
N GLN A 100 9.70 17.87 2.31
CA GLN A 100 8.33 18.32 2.07
C GLN A 100 8.24 19.57 1.18
N ILE A 101 9.19 20.50 1.27
CA ILE A 101 9.28 21.65 0.36
C ILE A 101 9.62 21.18 -1.05
N PHE A 102 10.64 20.35 -1.19
CA PHE A 102 11.15 19.90 -2.49
C PHE A 102 10.10 19.15 -3.30
N ASN A 103 9.39 18.19 -2.70
CA ASN A 103 8.36 17.41 -3.38
C ASN A 103 7.18 18.26 -3.85
N ASN A 104 6.75 19.27 -3.08
CA ASN A 104 5.65 20.15 -3.47
C ASN A 104 6.01 21.01 -4.70
N ILE A 105 7.20 21.61 -4.72
CA ILE A 105 7.66 22.42 -5.84
C ILE A 105 7.94 21.56 -7.09
N LEU A 106 8.35 20.31 -6.93
CA LEU A 106 8.55 19.36 -8.05
C LEU A 106 7.24 18.99 -8.76
N ARG A 107 6.09 18.97 -8.05
CA ARG A 107 4.74 18.74 -8.60
C ARG A 107 4.05 19.97 -9.21
N ARG A 108 4.66 21.17 -9.19
CA ARG A 108 4.10 22.40 -9.75
C ARG A 108 3.79 22.26 -11.24
N GLN A 109 2.65 22.79 -11.72
CA GLN A 109 2.27 22.81 -13.14
C GLN A 109 1.89 24.22 -13.63
N ILE A 110 2.20 24.51 -14.89
CA ILE A 110 1.70 25.66 -15.65
C ILE A 110 1.02 25.13 -16.92
N GLY A 111 -0.29 24.90 -16.87
CA GLY A 111 -0.99 24.12 -17.89
C GLY A 111 -0.43 22.71 -17.98
N THR A 112 0.03 22.31 -19.17
CA THR A 112 0.67 21.01 -19.42
C THR A 112 2.17 20.96 -19.07
N ARG A 113 2.81 22.09 -18.72
CA ARG A 113 4.23 22.13 -18.32
C ARG A 113 4.44 21.77 -16.85
N THR A 114 5.56 21.14 -16.52
CA THR A 114 6.08 21.00 -15.15
C THR A 114 7.42 21.77 -15.02
N PRO A 115 7.41 23.07 -14.63
CA PRO A 115 8.57 23.95 -14.74
C PRO A 115 9.75 23.59 -13.83
N THR A 116 9.54 22.81 -12.77
CA THR A 116 10.64 22.30 -11.92
C THR A 116 11.39 21.13 -12.57
N VAL A 117 10.73 20.30 -13.38
CA VAL A 117 11.41 19.28 -14.19
C VAL A 117 12.23 19.95 -15.31
N GLU A 118 11.70 20.99 -15.93
CA GLU A 118 12.45 21.81 -16.90
C GLU A 118 13.68 22.45 -16.24
N TYR A 119 13.58 22.90 -14.98
CA TYR A 119 14.72 23.42 -14.22
C TYR A 119 15.77 22.34 -13.95
N ILE A 120 15.42 21.22 -13.31
CA ILE A 120 16.37 20.16 -12.92
C ILE A 120 17.07 19.52 -14.13
N CYS A 121 16.54 19.60 -15.35
CA CYS A 121 17.26 19.17 -16.55
C CYS A 121 18.53 20.00 -16.84
N THR A 122 18.72 21.14 -16.17
CA THR A 122 20.00 21.85 -16.03
C THR A 122 20.34 21.97 -14.54
N GLN A 123 21.62 21.96 -14.16
CA GLN A 123 22.02 21.57 -12.80
C GLN A 123 21.49 20.17 -12.43
N GLN A 124 21.76 19.19 -13.31
CA GLN A 124 21.40 17.77 -13.13
C GLN A 124 22.06 17.13 -11.89
N ASN A 125 23.08 17.76 -11.32
CA ASN A 125 23.76 17.33 -10.10
C ASN A 125 22.82 17.14 -8.90
N ILE A 126 21.65 17.78 -8.84
CA ILE A 126 20.63 17.48 -7.81
C ILE A 126 20.28 15.99 -7.79
N LEU A 127 20.11 15.34 -8.94
CA LEU A 127 19.74 13.92 -9.02
C LEU A 127 20.86 13.01 -8.54
N PHE A 128 22.12 13.36 -8.84
CA PHE A 128 23.27 12.58 -8.41
C PHE A 128 23.65 12.84 -6.95
N MET A 129 23.42 14.03 -6.41
CA MET A 129 23.59 14.29 -4.97
C MET A 129 22.53 13.58 -4.13
N LEU A 130 21.29 13.44 -4.60
CA LEU A 130 20.28 12.61 -3.95
C LEU A 130 20.65 11.12 -4.00
N LEU A 131 21.07 10.61 -5.17
CA LEU A 131 21.53 9.22 -5.31
C LEU A 131 22.76 8.91 -4.44
N LYS A 132 23.73 9.81 -4.36
CA LYS A 132 24.91 9.69 -3.48
C LYS A 132 24.56 9.63 -1.99
N GLY A 133 23.42 10.17 -1.58
CA GLY A 133 22.98 10.22 -0.17
C GLY A 133 22.76 8.86 0.49
N TYR A 134 22.63 7.76 -0.25
CA TYR A 134 22.59 6.40 0.31
C TYR A 134 23.89 6.00 1.02
N GLU A 135 25.00 6.71 0.79
CA GLU A 135 26.29 6.45 1.46
C GLU A 135 26.44 7.18 2.81
N SER A 136 25.43 7.95 3.24
CA SER A 136 25.44 8.77 4.45
C SER A 136 24.21 8.48 5.33
N PRO A 137 24.31 7.57 6.32
CA PRO A 137 23.16 7.06 7.09
C PRO A 137 22.25 8.11 7.74
N GLU A 138 22.79 9.26 8.15
CA GLU A 138 22.02 10.34 8.78
C GLU A 138 21.19 11.19 7.80
N ILE A 139 21.33 11.00 6.48
CA ILE A 139 20.51 11.68 5.44
C ILE A 139 19.90 10.72 4.41
N ALA A 140 20.24 9.43 4.40
CA ALA A 140 19.82 8.48 3.37
C ALA A 140 18.30 8.33 3.23
N LEU A 141 17.54 8.37 4.33
CA LEU A 141 16.08 8.23 4.31
C LEU A 141 15.37 9.41 3.65
N ASN A 142 15.85 10.64 3.86
CA ASN A 142 15.30 11.83 3.22
C ASN A 142 15.71 11.95 1.75
N CYS A 143 16.96 11.63 1.42
CA CYS A 143 17.41 11.55 0.03
C CYS A 143 16.60 10.52 -0.77
N GLY A 144 16.30 9.37 -0.18
CA GLY A 144 15.45 8.34 -0.80
C GLY A 144 14.03 8.82 -1.08
N ILE A 145 13.39 9.53 -0.15
CA ILE A 145 12.06 10.14 -0.36
C ILE A 145 12.07 11.13 -1.53
N MET A 146 13.02 12.07 -1.57
CA MET A 146 13.12 13.07 -2.65
C MET A 146 13.45 12.43 -4.01
N LEU A 147 14.34 11.43 -4.04
CA LEU A 147 14.73 10.73 -5.26
C LEU A 147 13.58 9.92 -5.86
N ARG A 148 12.76 9.23 -5.06
CA ARG A 148 11.58 8.52 -5.58
C ARG A 148 10.51 9.44 -6.16
N GLU A 149 10.41 10.68 -5.71
CA GLU A 149 9.51 11.66 -6.30
C GLU A 149 10.04 12.17 -7.65
N CYS A 150 11.35 12.34 -7.81
CA CYS A 150 11.97 12.71 -9.08
C CYS A 150 11.70 11.69 -10.19
N ILE A 151 11.94 10.40 -9.93
CA ILE A 151 11.79 9.34 -10.94
C ILE A 151 10.32 9.05 -11.34
N ARG A 152 9.33 9.78 -10.81
CA ARG A 152 7.96 9.80 -11.36
C ARG A 152 7.88 10.52 -12.71
N HIS A 153 8.84 11.38 -13.01
CA HIS A 153 8.89 12.20 -14.22
C HIS A 153 9.89 11.60 -15.20
N GLU A 154 9.45 11.30 -16.42
CA GLU A 154 10.23 10.52 -17.36
C GLU A 154 11.59 11.12 -17.76
N PRO A 155 11.76 12.45 -17.94
CA PRO A 155 13.08 13.04 -18.19
C PRO A 155 14.08 12.81 -17.05
N LEU A 156 13.62 12.84 -15.80
CA LEU A 156 14.48 12.66 -14.62
C LEU A 156 14.82 11.17 -14.39
N ALA A 157 13.87 10.27 -14.62
CA ALA A 157 14.14 8.83 -14.66
C ALA A 157 15.15 8.46 -15.76
N LYS A 158 15.06 9.10 -16.94
CA LYS A 158 15.97 8.91 -18.06
C LYS A 158 17.39 9.40 -17.75
N ILE A 159 17.58 10.55 -17.11
CA ILE A 159 18.91 11.01 -16.70
C ILE A 159 19.57 9.98 -15.77
N ILE A 160 18.84 9.43 -14.79
CA ILE A 160 19.40 8.43 -13.88
C ILE A 160 19.72 7.11 -14.60
N LEU A 161 18.79 6.50 -15.34
CA LEU A 161 19.05 5.22 -16.03
C LEU A 161 20.24 5.25 -16.98
N TRP A 162 20.41 6.31 -17.76
CA TRP A 162 21.42 6.40 -18.83
C TRP A 162 22.77 6.96 -18.35
N SER A 163 23.09 6.84 -17.05
CA SER A 163 24.28 7.41 -16.39
C SER A 163 25.20 6.35 -15.81
N GLU A 164 26.51 6.61 -15.77
CA GLU A 164 27.49 5.69 -15.16
C GLU A 164 27.24 5.48 -13.66
N GLN A 165 26.64 6.47 -12.97
CA GLN A 165 26.24 6.40 -11.58
C GLN A 165 25.12 5.37 -11.30
N PHE A 166 24.31 4.95 -12.26
CA PHE A 166 23.23 3.97 -12.01
C PHE A 166 23.73 2.66 -11.40
N TYR A 167 24.90 2.18 -11.82
CA TYR A 167 25.46 0.91 -11.35
C TYR A 167 25.93 0.92 -9.89
N ASP A 168 25.85 2.04 -9.17
CA ASP A 168 25.99 2.07 -7.72
C ASP A 168 24.84 1.34 -7.00
N PHE A 169 23.64 1.22 -7.58
CA PHE A 169 22.53 0.49 -6.95
C PHE A 169 22.88 -0.97 -6.64
N PHE A 170 23.79 -1.62 -7.39
CA PHE A 170 24.22 -2.97 -7.09
C PHE A 170 25.09 -3.08 -5.82
N ARG A 171 25.65 -1.98 -5.29
CA ARG A 171 26.21 -1.91 -3.94
C ARG A 171 25.14 -1.58 -2.91
N TYR A 172 24.27 -0.61 -3.18
CA TYR A 172 23.28 -0.13 -2.22
C TYR A 172 22.25 -1.18 -1.81
N VAL A 173 21.85 -2.10 -2.69
CA VAL A 173 20.90 -3.18 -2.33
C VAL A 173 21.52 -4.32 -1.49
N GLU A 174 22.81 -4.27 -1.18
CA GLU A 174 23.53 -5.28 -0.39
C GLU A 174 24.13 -4.75 0.92
N MET A 175 23.84 -3.50 1.31
CA MET A 175 24.31 -2.93 2.57
C MET A 175 23.77 -3.69 3.78
N SER A 176 24.56 -3.79 4.84
CA SER A 176 24.23 -4.52 6.06
C SER A 176 23.14 -3.85 6.91
N THR A 177 23.00 -2.53 6.83
CA THR A 177 21.92 -1.77 7.48
C THR A 177 20.62 -1.96 6.70
N PHE A 178 19.74 -2.86 7.14
CA PHE A 178 18.64 -3.36 6.31
C PHE A 178 17.56 -2.31 5.99
N ASP A 179 17.32 -1.31 6.84
CA ASP A 179 16.34 -0.26 6.56
C ASP A 179 16.80 0.70 5.43
N ILE A 180 18.11 0.83 5.21
CA ILE A 180 18.65 1.58 4.06
C ILE A 180 18.67 0.67 2.82
N ALA A 181 19.16 -0.57 2.93
CA ALA A 181 19.26 -1.48 1.79
C ALA A 181 17.89 -1.79 1.13
N SER A 182 16.84 -1.91 1.93
CA SER A 182 15.48 -2.10 1.43
C SER A 182 14.84 -0.84 0.85
N ASP A 183 15.24 0.37 1.27
CA ASP A 183 14.83 1.62 0.62
C ASP A 183 15.53 1.82 -0.73
N ALA A 184 16.83 1.50 -0.82
CA ALA A 184 17.55 1.48 -2.08
C ALA A 184 16.95 0.49 -3.09
N PHE A 185 16.51 -0.70 -2.67
CA PHE A 185 15.85 -1.66 -3.57
C PHE A 185 14.48 -1.18 -4.07
N ALA A 186 13.69 -0.49 -3.24
CA ALA A 186 12.44 0.13 -3.67
C ALA A 186 12.63 1.17 -4.77
N THR A 187 13.65 2.04 -4.65
CA THR A 187 14.02 3.01 -5.69
C THR A 187 14.53 2.32 -6.96
N PHE A 188 15.35 1.28 -6.83
CA PHE A 188 15.85 0.48 -7.95
C PHE A 188 14.73 -0.20 -8.75
N LYS A 189 13.76 -0.82 -8.09
CA LYS A 189 12.59 -1.45 -8.74
C LYS A 189 11.71 -0.44 -9.47
N ASP A 190 11.47 0.74 -8.91
CA ASP A 190 10.61 1.75 -9.53
C ASP A 190 11.19 2.30 -10.85
N LEU A 191 12.51 2.53 -10.94
CA LEU A 191 13.19 2.90 -12.19
C LEU A 191 12.99 1.87 -13.30
N LEU A 192 13.05 0.58 -12.97
CA LEU A 192 12.93 -0.49 -13.97
C LEU A 192 11.48 -0.80 -14.38
N THR A 193 10.48 -0.43 -13.60
CA THR A 193 9.08 -0.87 -13.83
C THR A 193 8.07 0.23 -14.14
N ARG A 194 8.31 1.51 -13.80
CA ARG A 194 7.32 2.59 -13.97
C ARG A 194 7.12 3.04 -15.43
N HIS A 195 8.17 3.49 -16.12
CA HIS A 195 8.10 3.94 -17.51
C HIS A 195 8.46 2.79 -18.45
N LYS A 196 7.45 2.14 -19.02
CA LYS A 196 7.57 0.86 -19.73
C LYS A 196 8.44 0.90 -20.98
N LEU A 197 8.26 1.90 -21.84
CA LEU A 197 9.02 2.02 -23.09
C LEU A 197 10.48 2.47 -22.84
N LEU A 198 10.70 3.38 -21.90
CA LEU A 198 12.04 3.84 -21.50
C LEU A 198 12.86 2.70 -20.88
N SER A 199 12.24 1.90 -20.00
CA SER A 199 12.88 0.74 -19.40
C SER A 199 13.20 -0.35 -20.43
N ALA A 200 12.30 -0.65 -21.36
CA ALA A 200 12.58 -1.59 -22.46
C ALA A 200 13.70 -1.11 -23.40
N GLU A 201 13.75 0.18 -23.73
CA GLU A 201 14.81 0.76 -24.55
C GLU A 201 16.19 0.70 -23.85
N PHE A 202 16.25 0.99 -22.54
CA PHE A 202 17.46 0.81 -21.74
C PHE A 202 17.92 -0.66 -21.69
N LEU A 203 17.02 -1.59 -21.35
CA LEU A 203 17.39 -2.99 -21.20
C LEU A 203 17.89 -3.62 -22.50
N GLU A 204 17.49 -3.14 -23.68
CA GLU A 204 18.09 -3.58 -24.94
C GLU A 204 19.52 -3.05 -25.14
N GLN A 205 19.72 -1.73 -25.03
CA GLN A 205 21.02 -1.12 -25.33
C GLN A 205 22.10 -1.41 -24.29
N HIS A 206 21.73 -1.70 -23.04
CA HIS A 206 22.63 -2.04 -21.94
C HIS A 206 22.50 -3.49 -21.46
N TYR A 207 22.05 -4.43 -22.31
CA TYR A 207 21.81 -5.82 -21.93
C TYR A 207 23.04 -6.48 -21.32
N ASP A 208 24.17 -6.44 -22.02
CA ASP A 208 25.38 -7.19 -21.65
C ASP A 208 25.98 -6.70 -20.34
N ARG A 209 25.93 -5.40 -20.04
CA ARG A 209 26.38 -4.87 -18.74
C ARG A 209 25.37 -5.08 -17.63
N PHE A 210 24.07 -4.86 -17.84
CA PHE A 210 23.07 -4.99 -16.78
C PHE A 210 22.93 -6.43 -16.25
N PHE A 211 22.80 -7.42 -17.13
CA PHE A 211 22.65 -8.82 -16.68
C PHE A 211 23.95 -9.43 -16.15
N SER A 212 25.12 -8.89 -16.51
CA SER A 212 26.38 -9.25 -15.87
C SER A 212 26.49 -8.78 -14.42
N GLU A 213 25.82 -7.69 -14.04
CA GLU A 213 25.69 -7.31 -12.63
C GLU A 213 24.54 -8.06 -11.95
N TYR A 214 23.39 -8.20 -12.60
CA TYR A 214 22.21 -8.80 -11.99
C TYR A 214 22.40 -10.27 -11.59
N GLU A 215 23.22 -11.04 -12.28
CA GLU A 215 23.54 -12.41 -11.86
C GLU A 215 24.25 -12.47 -10.51
N LYS A 216 24.94 -11.41 -10.07
CA LYS A 216 25.62 -11.35 -8.76
C LYS A 216 24.64 -11.21 -7.60
N LEU A 217 23.46 -10.62 -7.84
CA LEU A 217 22.38 -10.56 -6.86
C LEU A 217 21.72 -11.93 -6.64
N LEU A 218 21.64 -12.75 -7.69
CA LEU A 218 21.10 -14.11 -7.63
C LEU A 218 22.06 -15.08 -6.92
N HIS A 219 23.34 -14.74 -6.80
CA HIS A 219 24.33 -15.44 -5.98
C HIS A 219 24.52 -14.84 -4.58
N SER A 220 23.72 -13.85 -4.15
CA SER A 220 23.95 -13.14 -2.89
C SER A 220 23.88 -14.06 -1.66
N GLU A 221 24.72 -13.80 -0.65
CA GLU A 221 24.67 -14.51 0.63
C GLU A 221 23.61 -13.95 1.59
N ASN A 222 23.05 -12.77 1.33
CA ASN A 222 21.91 -12.22 2.06
C ASN A 222 20.59 -12.83 1.54
N TYR A 223 19.82 -13.45 2.42
CA TYR A 223 18.55 -14.09 2.07
C TYR A 223 17.55 -13.15 1.39
N VAL A 224 17.36 -11.93 1.92
CA VAL A 224 16.32 -11.01 1.42
C VAL A 224 16.73 -10.36 0.09
N THR A 225 18.01 -10.07 -0.11
CA THR A 225 18.53 -9.69 -1.43
C THR A 225 18.29 -10.79 -2.46
N LYS A 226 18.58 -12.06 -2.15
CA LYS A 226 18.38 -13.19 -3.07
C LYS A 226 16.90 -13.37 -3.42
N ARG A 227 16.02 -13.33 -2.42
CA ARG A 227 14.56 -13.50 -2.55
C ARG A 227 13.89 -12.40 -3.37
N GLN A 228 14.15 -11.13 -3.09
CA GLN A 228 13.56 -10.00 -3.82
C GLN A 228 14.10 -9.85 -5.25
N SER A 229 15.37 -10.16 -5.49
CA SER A 229 15.97 -10.06 -6.82
C SER A 229 15.46 -11.12 -7.80
N LEU A 230 15.19 -12.34 -7.33
CA LEU A 230 14.61 -13.41 -8.14
C LEU A 230 13.11 -13.19 -8.41
N LYS A 231 12.36 -12.62 -7.47
CA LYS A 231 10.98 -12.16 -7.70
C LYS A 231 10.91 -11.14 -8.83
N LEU A 232 11.74 -10.10 -8.78
CA LEU A 232 11.78 -9.04 -9.79
C LEU A 232 12.21 -9.54 -11.16
N LEU A 233 13.15 -10.49 -11.27
CA LEU A 233 13.52 -11.06 -12.57
C LEU A 233 12.32 -11.69 -13.30
N GLY A 234 11.49 -12.47 -12.61
CA GLY A 234 10.26 -13.02 -13.17
C GLY A 234 9.26 -11.95 -13.65
N GLU A 235 9.09 -10.87 -12.88
CA GLU A 235 8.25 -9.73 -13.28
C GLU A 235 8.79 -8.93 -14.47
N LEU A 236 10.12 -8.83 -14.62
CA LEU A 236 10.74 -8.20 -15.79
C LEU A 236 10.62 -9.07 -17.04
N LEU A 237 10.72 -10.40 -16.93
CA LEU A 237 10.65 -11.31 -18.08
C LEU A 237 9.21 -11.56 -18.57
N LEU A 238 8.20 -11.64 -17.70
CA LEU A 238 6.81 -11.87 -18.12
C LEU A 238 6.09 -10.62 -18.67
N ASP A 239 6.60 -9.41 -18.44
CA ASP A 239 6.02 -8.18 -18.99
C ASP A 239 6.15 -8.11 -20.51
N ARG A 240 5.02 -7.96 -21.22
CA ARG A 240 4.97 -7.94 -22.69
C ARG A 240 5.71 -6.77 -23.34
N HIS A 241 6.07 -5.71 -22.62
CA HIS A 241 6.95 -4.68 -23.16
C HIS A 241 8.40 -5.17 -23.34
N ASN A 242 8.82 -6.20 -22.60
CA ASN A 242 10.16 -6.75 -22.57
C ASN A 242 10.32 -8.03 -23.41
N PHE A 243 9.43 -8.31 -24.36
CA PHE A 243 9.44 -9.58 -25.12
C PHE A 243 10.77 -9.87 -25.85
N THR A 244 11.44 -8.85 -26.39
CA THR A 244 12.75 -9.00 -27.05
C THR A 244 13.89 -9.26 -26.06
N ILE A 245 13.78 -8.79 -24.82
CA ILE A 245 14.70 -9.14 -23.73
C ILE A 245 14.47 -10.58 -23.30
N MET A 246 13.20 -10.94 -23.05
CA MET A 246 12.81 -12.27 -22.58
C MET A 246 13.28 -13.35 -23.55
N THR A 247 12.97 -13.25 -24.83
CA THR A 247 13.39 -14.26 -25.83
C THR A 247 14.91 -14.36 -25.98
N LYS A 248 15.67 -13.28 -25.78
CA LYS A 248 17.15 -13.30 -25.74
C LYS A 248 17.69 -13.91 -24.45
N TYR A 249 17.14 -13.60 -23.29
CA TYR A 249 17.58 -14.13 -22.00
C TYR A 249 17.40 -15.65 -21.91
N ILE A 250 16.26 -16.18 -22.35
CA ILE A 250 15.99 -17.61 -22.29
C ILE A 250 16.76 -18.42 -23.36
N SER A 251 17.44 -17.76 -24.29
CA SER A 251 18.25 -18.42 -25.33
C SER A 251 19.68 -18.75 -24.92
N LYS A 252 20.06 -18.51 -23.65
CA LYS A 252 21.44 -18.68 -23.16
C LYS A 252 21.55 -19.89 -22.23
N PRO A 253 22.50 -20.83 -22.45
CA PRO A 253 22.62 -22.01 -21.61
C PRO A 253 23.05 -21.68 -20.17
N GLU A 254 23.82 -20.62 -19.93
CA GLU A 254 24.22 -20.20 -18.58
C GLU A 254 23.02 -19.82 -17.71
N ASN A 255 22.00 -19.22 -18.31
CA ASN A 255 20.81 -18.77 -17.62
C ASN A 255 19.90 -19.94 -17.23
N LEU A 256 19.84 -21.00 -18.05
CA LEU A 256 19.16 -22.24 -17.66
C LEU A 256 19.92 -23.02 -16.58
N LYS A 257 21.25 -23.14 -16.68
CA LYS A 257 22.06 -23.81 -15.66
C LYS A 257 21.90 -23.18 -14.28
N LEU A 258 21.77 -21.86 -14.19
CA LEU A 258 21.45 -21.18 -12.94
C LEU A 258 20.05 -21.53 -12.42
N MET A 259 19.01 -21.49 -13.25
CA MET A 259 17.64 -21.78 -12.81
C MET A 259 17.45 -23.23 -12.33
N MET A 260 18.16 -24.20 -12.91
CA MET A 260 18.16 -25.58 -12.41
C MET A 260 18.94 -25.78 -11.10
N ASN A 261 19.85 -24.89 -10.73
CA ASN A 261 20.45 -24.88 -9.39
C ASN A 261 19.52 -24.23 -8.36
N LEU A 262 18.84 -23.14 -8.70
CA LEU A 262 17.89 -22.45 -7.80
C LEU A 262 16.65 -23.29 -7.48
N LEU A 263 16.24 -24.22 -8.35
CA LEU A 263 15.19 -25.22 -8.04
C LEU A 263 15.54 -26.15 -6.87
N ARG A 264 16.82 -26.23 -6.46
CA ARG A 264 17.29 -27.09 -5.37
C ARG A 264 17.72 -26.31 -4.12
N ASP A 265 17.37 -25.02 -4.02
CA ASP A 265 17.65 -24.17 -2.86
C ASP A 265 16.91 -24.68 -1.61
N LYS A 266 17.45 -24.41 -0.41
CA LYS A 266 16.81 -24.78 0.88
C LYS A 266 15.54 -23.98 1.18
N SER A 267 15.38 -22.80 0.60
CA SER A 267 14.17 -21.98 0.74
C SER A 267 13.07 -22.43 -0.20
N ARG A 268 11.90 -22.81 0.33
CA ARG A 268 10.69 -23.10 -0.45
C ARG A 268 10.29 -21.90 -1.31
N ASN A 269 10.45 -20.67 -0.82
CA ASN A 269 10.16 -19.47 -1.60
C ASN A 269 11.11 -19.31 -2.81
N ILE A 270 12.42 -19.52 -2.65
CA ILE A 270 13.38 -19.46 -3.77
C ILE A 270 13.11 -20.58 -4.80
N GLN A 271 12.81 -21.79 -4.36
CA GLN A 271 12.42 -22.88 -5.26
C GLN A 271 11.17 -22.54 -6.07
N PHE A 272 10.12 -22.02 -5.43
CA PHE A 272 8.87 -21.70 -6.10
C PHE A 272 9.00 -20.52 -7.08
N GLU A 273 9.75 -19.48 -6.73
CA GLU A 273 10.06 -18.41 -7.69
C GLU A 273 10.93 -18.91 -8.84
N ALA A 274 11.93 -19.75 -8.61
CA ALA A 274 12.73 -20.31 -9.71
C ALA A 274 11.90 -21.17 -10.67
N PHE A 275 10.94 -21.96 -10.18
CA PHE A 275 10.03 -22.74 -11.03
C PHE A 275 9.29 -21.87 -12.04
N HIS A 276 8.79 -20.70 -11.64
CA HIS A 276 8.06 -19.80 -12.53
C HIS A 276 8.93 -19.11 -13.58
N VAL A 277 10.26 -19.13 -13.46
CA VAL A 277 11.19 -18.70 -14.52
C VAL A 277 11.66 -19.90 -15.35
N PHE A 278 11.95 -21.05 -14.72
CA PHE A 278 12.33 -22.31 -15.39
C PHE A 278 11.26 -22.78 -16.37
N LYS A 279 9.97 -22.67 -16.00
CA LYS A 279 8.81 -22.97 -16.85
C LYS A 279 8.92 -22.35 -18.25
N VAL A 280 9.40 -21.11 -18.34
CA VAL A 280 9.48 -20.32 -19.58
C VAL A 280 10.59 -20.82 -20.52
N PHE A 281 11.67 -21.41 -20.01
CA PHE A 281 12.69 -22.05 -20.85
C PHE A 281 12.18 -23.30 -21.55
N VAL A 282 11.42 -24.15 -20.86
CA VAL A 282 10.89 -25.42 -21.42
C VAL A 282 9.64 -25.19 -22.29
N ALA A 283 8.73 -24.30 -21.90
CA ALA A 283 7.53 -23.98 -22.70
C ALA A 283 7.80 -23.23 -24.02
N ASN A 284 9.02 -22.74 -24.24
CA ASN A 284 9.44 -22.00 -25.42
C ASN A 284 9.36 -22.83 -26.72
N PRO A 285 8.61 -22.40 -27.75
CA PRO A 285 8.81 -22.85 -29.13
C PRO A 285 10.17 -22.38 -29.69
N ASN A 286 10.72 -23.06 -30.69
CA ASN A 286 11.95 -22.66 -31.37
C ASN A 286 13.18 -22.52 -30.45
N LYS A 287 13.38 -23.48 -29.52
CA LYS A 287 14.57 -23.57 -28.67
C LYS A 287 15.85 -23.64 -29.50
N THR A 288 16.94 -23.05 -29.00
CA THR A 288 18.27 -23.20 -29.58
C THR A 288 18.96 -24.47 -29.07
N GLN A 289 19.86 -25.07 -29.85
CA GLN A 289 20.41 -26.40 -29.56
C GLN A 289 21.11 -26.55 -28.19
N PRO A 290 21.87 -25.56 -27.66
CA PRO A 290 22.42 -25.64 -26.31
C PRO A 290 21.39 -25.91 -25.20
N ILE A 291 20.16 -25.38 -25.32
CA ILE A 291 19.07 -25.64 -24.36
C ILE A 291 18.57 -27.08 -24.49
N LEU A 292 18.39 -27.58 -25.72
CA LEU A 292 17.98 -28.96 -25.97
C LEU A 292 19.04 -29.96 -25.49
N ASP A 293 20.32 -29.69 -25.70
CA ASP A 293 21.41 -30.51 -25.15
C ASP A 293 21.35 -30.60 -23.62
N ILE A 294 21.12 -29.48 -22.93
CA ILE A 294 20.98 -29.46 -21.46
C ILE A 294 19.79 -30.30 -21.00
N LEU A 295 18.61 -30.10 -21.57
CA LEU A 295 17.38 -30.80 -21.15
C LEU A 295 17.41 -32.29 -21.53
N LEU A 296 17.98 -32.68 -22.68
CA LEU A 296 18.20 -34.08 -23.05
C LEU A 296 19.17 -34.79 -22.09
N LYS A 297 20.26 -34.14 -21.66
CA LYS A 297 21.18 -34.70 -20.66
C LYS A 297 20.56 -34.85 -19.27
N ASN A 298 19.54 -34.06 -18.94
CA ASN A 298 18.87 -34.05 -17.64
C ASN A 298 17.45 -34.68 -17.66
N GLN A 299 17.05 -35.34 -18.75
CA GLN A 299 15.67 -35.76 -19.00
C GLN A 299 15.06 -36.60 -17.86
N ALA A 300 15.70 -37.69 -17.47
CA ALA A 300 15.18 -38.56 -16.41
C ALA A 300 15.19 -37.89 -15.03
N LYS A 301 16.27 -37.16 -14.69
CA LYS A 301 16.43 -36.42 -13.43
C LYS A 301 15.33 -35.38 -13.25
N LEU A 302 15.00 -34.63 -14.31
CA LEU A 302 13.94 -33.62 -14.30
C LEU A 302 12.55 -34.26 -14.16
N ILE A 303 12.24 -35.34 -14.89
CA ILE A 303 10.93 -36.03 -14.77
C ILE A 303 10.72 -36.56 -13.35
N GLU A 304 11.74 -37.19 -12.76
CA GLU A 304 11.67 -37.70 -11.40
C GLU A 304 11.49 -36.58 -10.37
N PHE A 305 12.23 -35.48 -10.52
CA PHE A 305 12.16 -34.32 -9.65
C PHE A 305 10.80 -33.60 -9.74
N LEU A 306 10.33 -33.25 -10.94
CA LEU A 306 9.05 -32.57 -11.15
C LEU A 306 7.85 -33.42 -10.70
N SER A 307 7.97 -34.74 -10.70
CA SER A 307 6.96 -35.64 -10.13
C SER A 307 6.88 -35.58 -8.60
N LYS A 308 7.91 -35.08 -7.92
CA LYS A 308 8.01 -34.94 -6.46
C LYS A 308 7.95 -33.49 -5.95
N PHE A 309 8.16 -32.51 -6.83
CA PHE A 309 8.32 -31.09 -6.48
C PHE A 309 7.07 -30.45 -5.86
N GLN A 310 7.12 -30.17 -4.55
CA GLN A 310 6.08 -29.49 -3.77
C GLN A 310 4.67 -30.07 -3.93
N ASN A 311 4.53 -31.40 -3.95
CA ASN A 311 3.23 -32.08 -4.07
C ASN A 311 2.27 -31.79 -2.91
N ASP A 312 2.76 -31.30 -1.77
CA ASP A 312 1.95 -30.86 -0.64
C ASP A 312 1.24 -29.50 -0.87
N ARG A 313 1.58 -28.75 -1.93
CA ARG A 313 0.95 -27.48 -2.32
C ARG A 313 -0.39 -27.70 -3.06
N THR A 314 -1.32 -28.43 -2.44
CA THR A 314 -2.54 -28.96 -3.11
C THR A 314 -3.63 -27.93 -3.41
N GLU A 315 -3.54 -26.71 -2.87
CA GLU A 315 -4.55 -25.66 -3.07
C GLU A 315 -4.55 -25.02 -4.48
N ASP A 316 -3.51 -25.21 -5.28
CA ASP A 316 -3.31 -24.53 -6.58
C ASP A 316 -3.52 -25.49 -7.76
N GLU A 317 -4.51 -25.20 -8.62
CA GLU A 317 -4.86 -26.05 -9.77
C GLU A 317 -3.99 -25.78 -11.01
N GLN A 318 -3.64 -24.52 -11.28
CA GLN A 318 -2.78 -24.19 -12.43
C GLN A 318 -1.32 -24.61 -12.23
N PHE A 319 -0.81 -24.61 -10.99
CA PHE A 319 0.52 -25.16 -10.69
C PHE A 319 0.63 -26.64 -11.09
N ASN A 320 -0.41 -27.42 -10.82
CA ASN A 320 -0.46 -28.82 -11.22
C ASN A 320 -0.60 -29.01 -12.74
N ASP A 321 -1.34 -28.14 -13.44
CA ASP A 321 -1.36 -28.15 -14.91
C ASP A 321 0.02 -27.84 -15.51
N GLU A 322 0.73 -26.85 -14.98
CA GLU A 322 2.07 -26.48 -15.45
C GLU A 322 3.09 -27.59 -15.20
N LYS A 323 3.09 -28.22 -14.01
CA LYS A 323 3.92 -29.40 -13.73
C LYS A 323 3.62 -30.55 -14.70
N THR A 324 2.34 -30.78 -15.01
CA THR A 324 1.94 -31.83 -15.95
C THR A 324 2.40 -31.53 -17.37
N TYR A 325 2.25 -30.29 -17.82
CA TYR A 325 2.74 -29.84 -19.12
C TYR A 325 4.27 -29.94 -19.24
N LEU A 326 5.03 -29.56 -18.21
CA LEU A 326 6.50 -29.66 -18.22
C LEU A 326 6.95 -31.12 -18.29
N VAL A 327 6.38 -32.02 -17.49
CA VAL A 327 6.72 -33.45 -17.54
C VAL A 327 6.42 -34.03 -18.93
N LYS A 328 5.30 -33.64 -19.57
CA LYS A 328 5.01 -34.02 -20.96
C LYS A 328 6.03 -33.46 -21.95
N GLN A 329 6.36 -32.17 -21.86
CA GLN A 329 7.35 -31.53 -22.74
C GLN A 329 8.73 -32.20 -22.61
N ILE A 330 9.14 -32.61 -21.41
CA ILE A 330 10.42 -33.28 -21.17
C ILE A 330 10.40 -34.75 -21.63
N ARG A 331 9.25 -35.44 -21.59
CA ARG A 331 9.08 -36.75 -22.26
C ARG A 331 9.07 -36.65 -23.79
N ASP A 332 8.47 -35.61 -24.35
CA ASP A 332 8.34 -35.40 -25.80
C ASP A 332 9.62 -34.87 -26.50
N LEU A 333 10.70 -34.58 -25.76
CA LEU A 333 12.00 -34.24 -26.36
C LEU A 333 12.50 -35.37 -27.27
N LYS A 334 13.03 -35.00 -28.45
CA LYS A 334 13.57 -35.93 -29.45
C LYS A 334 15.10 -35.91 -29.44
N ARG A 335 15.72 -37.09 -29.40
CA ARG A 335 17.19 -37.26 -29.46
C ARG A 335 17.74 -36.73 -30.81
N PRO A 336 18.97 -36.22 -30.87
CA PRO A 336 19.53 -35.52 -32.05
C PRO A 336 19.47 -36.33 -33.36
N LYS B 57 -33.19 -11.49 9.21
CA LYS B 57 -34.09 -12.40 9.98
C LYS B 57 -33.34 -13.57 10.64
N ARG B 58 -32.61 -14.41 9.89
CA ARG B 58 -31.84 -15.56 10.41
C ARG B 58 -30.43 -15.64 9.84
N ALA B 59 -29.45 -15.98 10.68
CA ALA B 59 -28.04 -16.11 10.32
C ALA B 59 -27.75 -17.41 9.55
N LYS B 60 -26.84 -17.34 8.56
CA LYS B 60 -26.27 -18.50 7.86
C LYS B 60 -24.76 -18.33 7.73
N LEU B 61 -24.01 -19.38 8.05
CA LEU B 61 -22.55 -19.41 8.04
C LEU B 61 -22.06 -20.28 6.87
N ILE B 62 -21.07 -19.80 6.13
CA ILE B 62 -20.50 -20.49 4.96
C ILE B 62 -18.98 -20.44 5.07
N GLY B 63 -18.35 -21.54 5.47
CA GLY B 63 -16.99 -21.50 5.96
C GLY B 63 -16.90 -20.55 7.18
N LYS B 64 -15.90 -19.67 7.21
CA LYS B 64 -15.75 -18.63 8.24
C LYS B 64 -16.61 -17.38 8.03
N TYR B 65 -17.41 -17.30 6.98
CA TYR B 65 -18.13 -16.07 6.60
C TYR B 65 -19.60 -16.09 7.04
N LEU B 66 -20.08 -14.99 7.59
CA LEU B 66 -21.49 -14.78 7.94
C LEU B 66 -22.21 -14.06 6.80
N MET B 67 -23.31 -14.63 6.30
CA MET B 67 -24.09 -14.06 5.20
C MET B 67 -24.87 -12.82 5.62
N GLY B 68 -24.79 -11.75 4.83
CA GLY B 68 -25.59 -10.55 4.96
C GLY B 68 -26.62 -10.41 3.83
N ASP B 69 -27.06 -9.18 3.57
CA ASP B 69 -28.11 -8.88 2.59
C ASP B 69 -27.57 -8.65 1.16
N LEU B 70 -28.49 -8.57 0.19
CA LEU B 70 -28.22 -8.48 -1.25
C LEU B 70 -27.59 -7.14 -1.67
N LEU B 71 -26.46 -7.18 -2.37
CA LEU B 71 -25.81 -6.02 -3.00
C LEU B 71 -26.25 -5.81 -4.46
N GLY B 72 -26.70 -6.86 -5.14
CA GLY B 72 -27.18 -6.79 -6.52
C GLY B 72 -27.26 -8.15 -7.20
N GLU B 73 -27.33 -8.16 -8.52
CA GLU B 73 -27.26 -9.39 -9.33
C GLU B 73 -26.36 -9.19 -10.55
N GLY B 74 -25.47 -10.15 -10.80
CA GLY B 74 -24.51 -10.13 -11.91
C GLY B 74 -24.99 -10.89 -13.15
N SER B 75 -24.08 -11.12 -14.09
CA SER B 75 -24.35 -11.90 -15.31
C SER B 75 -24.59 -13.40 -15.05
N TYR B 76 -24.09 -13.95 -13.94
CA TYR B 76 -24.20 -15.38 -13.59
C TYR B 76 -24.97 -15.70 -12.29
N GLY B 77 -25.28 -14.73 -11.42
CA GLY B 77 -25.94 -15.00 -10.14
C GLY B 77 -26.00 -13.81 -9.17
N LYS B 78 -26.60 -14.02 -7.99
CA LYS B 78 -26.76 -13.01 -6.92
C LYS B 78 -25.41 -12.57 -6.33
N VAL B 79 -25.33 -11.32 -5.86
CA VAL B 79 -24.18 -10.78 -5.12
C VAL B 79 -24.63 -10.35 -3.73
N LYS B 80 -24.00 -10.83 -2.67
CA LYS B 80 -24.38 -10.53 -1.27
C LYS B 80 -23.21 -9.96 -0.47
N GLU B 81 -23.50 -9.15 0.53
CA GLU B 81 -22.54 -8.73 1.55
C GLU B 81 -22.22 -9.90 2.49
N VAL B 82 -20.97 -10.04 2.93
CA VAL B 82 -20.59 -11.02 3.97
C VAL B 82 -19.57 -10.42 4.94
N LEU B 83 -19.54 -10.95 6.16
CA LEU B 83 -18.58 -10.60 7.21
C LEU B 83 -17.65 -11.79 7.49
N ASP B 84 -16.34 -11.59 7.43
CA ASP B 84 -15.40 -12.56 7.98
C ASP B 84 -15.54 -12.63 9.50
N SER B 85 -16.03 -13.75 10.05
CA SER B 85 -16.30 -13.86 11.49
C SER B 85 -15.04 -13.99 12.36
N GLU B 86 -13.86 -14.25 11.78
CA GLU B 86 -12.60 -14.25 12.52
C GLU B 86 -11.97 -12.85 12.57
N THR B 87 -11.89 -12.14 11.44
CA THR B 87 -11.16 -10.86 11.35
C THR B 87 -12.05 -9.62 11.25
N LEU B 88 -13.38 -9.76 11.16
CA LEU B 88 -14.37 -8.69 11.02
C LEU B 88 -14.24 -7.86 9.73
N CYS B 89 -13.45 -8.31 8.75
CA CYS B 89 -13.35 -7.64 7.47
C CYS B 89 -14.65 -7.77 6.64
N ARG B 90 -15.13 -6.66 6.05
CA ARG B 90 -16.33 -6.55 5.21
C ARG B 90 -16.01 -6.94 3.77
N ARG B 91 -16.75 -7.91 3.20
CA ARG B 91 -16.51 -8.53 1.89
C ARG B 91 -17.79 -8.64 1.07
N ALA B 92 -17.68 -8.99 -0.20
CA ALA B 92 -18.80 -9.34 -1.08
C ALA B 92 -18.66 -10.79 -1.58
N VAL B 93 -19.76 -11.48 -1.83
CA VAL B 93 -19.75 -12.85 -2.37
C VAL B 93 -20.63 -12.96 -3.61
N LYS B 94 -20.14 -13.62 -4.64
CA LYS B 94 -20.87 -13.94 -5.88
C LYS B 94 -21.31 -15.39 -5.78
N ILE B 95 -22.61 -15.65 -5.88
CA ILE B 95 -23.22 -16.96 -5.64
C ILE B 95 -23.55 -17.59 -7.00
N LEU B 96 -22.97 -18.74 -7.30
CA LEU B 96 -23.05 -19.38 -8.61
C LEU B 96 -23.70 -20.76 -8.48
N LYS B 97 -25.00 -20.84 -8.76
CA LYS B 97 -25.75 -22.10 -8.80
C LYS B 97 -25.30 -22.92 -10.01
N LYS B 98 -24.70 -24.09 -9.82
CA LYS B 98 -24.17 -24.93 -10.92
C LYS B 98 -25.28 -25.41 -11.86
N LYS B 99 -26.50 -25.58 -11.35
CA LYS B 99 -27.75 -25.76 -12.12
C LYS B 99 -27.99 -24.68 -13.19
N LYS B 100 -27.66 -23.42 -12.91
CA LYS B 100 -27.79 -22.28 -13.84
C LYS B 100 -26.57 -22.13 -14.75
N LEU B 101 -25.34 -22.39 -14.29
CA LEU B 101 -24.14 -22.21 -15.12
C LEU B 101 -24.20 -23.02 -16.42
N ARG B 102 -24.67 -24.27 -16.36
CA ARG B 102 -24.82 -25.14 -17.53
C ARG B 102 -26.00 -24.79 -18.47
N ARG B 103 -26.79 -23.75 -18.16
CA ARG B 103 -27.79 -23.14 -19.06
C ARG B 103 -27.28 -21.94 -19.85
N ILE B 104 -26.10 -21.41 -19.52
CA ILE B 104 -25.53 -20.20 -20.14
C ILE B 104 -24.38 -20.61 -21.09
N PRO B 105 -24.29 -20.08 -22.33
CA PRO B 105 -23.25 -20.42 -23.29
C PRO B 105 -21.82 -20.35 -22.71
N ASN B 106 -21.16 -21.51 -22.63
CA ASN B 106 -19.84 -21.70 -22.01
C ASN B 106 -19.69 -21.21 -20.55
N GLY B 107 -20.78 -21.08 -19.79
CA GLY B 107 -20.77 -20.49 -18.45
C GLY B 107 -19.83 -21.18 -17.45
N GLU B 108 -19.79 -22.52 -17.44
CA GLU B 108 -18.88 -23.27 -16.58
C GLU B 108 -17.40 -23.07 -16.93
N ALA B 109 -17.08 -22.90 -18.21
CA ALA B 109 -15.73 -22.59 -18.66
C ALA B 109 -15.35 -21.13 -18.36
N ASN B 110 -16.28 -20.19 -18.51
CA ASN B 110 -16.05 -18.79 -18.17
C ASN B 110 -15.80 -18.59 -16.66
N VAL B 111 -16.56 -19.25 -15.79
CA VAL B 111 -16.33 -19.19 -14.34
C VAL B 111 -14.97 -19.79 -13.96
N LYS B 112 -14.58 -20.92 -14.56
CA LYS B 112 -13.25 -21.52 -14.35
C LYS B 112 -12.11 -20.61 -14.81
N LYS B 113 -12.23 -20.01 -16.00
CA LYS B 113 -11.27 -19.05 -16.54
C LYS B 113 -11.16 -17.80 -15.67
N GLU B 114 -12.28 -17.20 -15.25
CA GLU B 114 -12.30 -16.01 -14.40
C GLU B 114 -11.56 -16.23 -13.08
N ILE B 115 -11.75 -17.40 -12.45
CA ILE B 115 -11.02 -17.78 -11.23
C ILE B 115 -9.51 -17.92 -11.52
N GLN B 116 -9.12 -18.62 -12.59
CA GLN B 116 -7.70 -18.80 -12.92
C GLN B 116 -6.97 -17.47 -13.21
N LEU B 117 -7.61 -16.50 -13.87
CA LEU B 117 -7.04 -15.16 -14.06
C LEU B 117 -6.95 -14.39 -12.75
N LEU B 118 -8.03 -14.30 -11.97
CA LEU B 118 -8.03 -13.52 -10.73
C LEU B 118 -7.03 -14.02 -9.68
N ARG B 119 -6.67 -15.31 -9.68
CA ARG B 119 -5.62 -15.86 -8.81
C ARG B 119 -4.21 -15.34 -9.11
N ARG B 120 -3.95 -14.78 -10.30
CA ARG B 120 -2.59 -14.37 -10.75
C ARG B 120 -2.42 -12.89 -11.10
N LEU B 121 -3.45 -12.06 -10.91
CA LEU B 121 -3.41 -10.61 -11.15
C LEU B 121 -3.42 -9.84 -9.82
N ARG B 122 -2.52 -8.87 -9.66
CA ARG B 122 -2.37 -8.05 -8.44
C ARG B 122 -2.02 -6.61 -8.81
N HIS B 123 -2.99 -5.71 -8.74
CA HIS B 123 -2.84 -4.28 -9.00
C HIS B 123 -3.84 -3.46 -8.18
N LYS B 124 -3.54 -2.19 -7.90
CA LYS B 124 -4.41 -1.26 -7.17
C LYS B 124 -5.74 -0.94 -7.86
N ASN B 125 -5.86 -1.13 -9.17
CA ASN B 125 -7.04 -0.79 -9.99
C ASN B 125 -7.73 -2.00 -10.62
N VAL B 126 -7.48 -3.23 -10.17
CA VAL B 126 -8.15 -4.46 -10.64
C VAL B 126 -8.74 -5.19 -9.43
N ILE B 127 -9.95 -5.74 -9.54
CA ILE B 127 -10.64 -6.38 -8.41
C ILE B 127 -9.86 -7.55 -7.81
N GLN B 128 -9.96 -7.79 -6.50
CA GLN B 128 -9.29 -8.87 -5.81
C GLN B 128 -10.25 -10.01 -5.45
N LEU B 129 -9.89 -11.23 -5.82
CA LEU B 129 -10.49 -12.47 -5.32
C LEU B 129 -9.84 -12.87 -3.99
N VAL B 130 -10.66 -13.17 -2.98
CA VAL B 130 -10.20 -13.52 -1.62
C VAL B 130 -10.28 -15.03 -1.35
N ASP B 131 -11.37 -15.69 -1.74
CA ASP B 131 -11.60 -17.13 -1.56
C ASP B 131 -12.53 -17.70 -2.64
N VAL B 132 -12.43 -19.00 -2.91
CA VAL B 132 -13.48 -19.77 -3.60
C VAL B 132 -13.93 -20.92 -2.71
N LEU B 133 -15.22 -21.02 -2.43
CA LEU B 133 -15.82 -22.04 -1.55
C LEU B 133 -16.88 -22.84 -2.29
N TYR B 134 -16.99 -24.13 -1.98
CA TYR B 134 -17.87 -25.07 -2.69
C TYR B 134 -18.89 -25.69 -1.75
N ASN B 135 -20.07 -26.01 -2.30
CA ASN B 135 -21.11 -26.75 -1.63
C ASN B 135 -21.68 -27.77 -2.62
N GLU B 136 -20.99 -28.91 -2.77
CA GLU B 136 -21.31 -29.92 -3.78
C GLU B 136 -22.63 -30.66 -3.49
N GLU B 137 -23.09 -30.68 -2.23
CA GLU B 137 -24.41 -31.19 -1.88
C GLU B 137 -25.53 -30.31 -2.45
N LYS B 138 -25.49 -28.99 -2.22
CA LYS B 138 -26.50 -28.04 -2.74
C LYS B 138 -26.21 -27.55 -4.17
N GLN B 139 -25.13 -28.03 -4.79
CA GLN B 139 -24.67 -27.67 -6.14
C GLN B 139 -24.42 -26.14 -6.31
N LYS B 140 -23.69 -25.55 -5.36
CA LYS B 140 -23.31 -24.12 -5.37
C LYS B 140 -21.80 -23.90 -5.28
N MET B 141 -21.35 -22.78 -5.83
CA MET B 141 -20.01 -22.22 -5.67
C MET B 141 -20.14 -20.77 -5.18
N TYR B 142 -19.22 -20.32 -4.35
CA TYR B 142 -19.12 -18.95 -3.86
C TYR B 142 -17.75 -18.37 -4.22
N MET B 143 -17.70 -17.21 -4.89
CA MET B 143 -16.48 -16.42 -5.01
C MET B 143 -16.55 -15.28 -4.02
N VAL B 144 -15.60 -15.17 -3.10
CA VAL B 144 -15.52 -14.07 -2.14
C VAL B 144 -14.58 -13.02 -2.71
N MET B 145 -15.06 -11.79 -2.81
CA MET B 145 -14.42 -10.66 -3.48
C MET B 145 -14.18 -9.53 -2.47
N GLU B 146 -13.23 -8.66 -2.79
CA GLU B 146 -13.13 -7.34 -2.17
C GLU B 146 -14.46 -6.57 -2.25
N TYR B 147 -14.86 -5.88 -1.18
CA TYR B 147 -16.05 -5.03 -1.15
C TYR B 147 -15.85 -3.68 -1.87
N CYS B 148 -16.78 -3.33 -2.77
CA CYS B 148 -16.89 -2.03 -3.41
C CYS B 148 -18.30 -1.44 -3.18
N VAL B 149 -18.40 -0.13 -3.01
CA VAL B 149 -19.64 0.53 -2.58
C VAL B 149 -20.72 0.54 -3.66
N CYS B 150 -20.36 0.94 -4.89
CA CYS B 150 -21.22 0.90 -6.06
C CYS B 150 -20.40 0.87 -7.35
N GLY B 151 -21.04 0.52 -8.46
CA GLY B 151 -20.50 0.70 -9.80
C GLY B 151 -20.63 2.14 -10.30
N MET B 152 -19.85 2.52 -11.30
CA MET B 152 -19.92 3.84 -11.90
C MET B 152 -21.26 4.11 -12.61
N GLN B 153 -21.93 3.08 -13.16
CA GLN B 153 -23.25 3.23 -13.75
C GLN B 153 -24.35 3.64 -12.75
N GLU B 154 -24.29 3.18 -11.50
CA GLU B 154 -25.27 3.55 -10.47
C GLU B 154 -25.18 5.05 -10.12
N MET B 155 -23.98 5.65 -10.16
CA MET B 155 -23.83 7.10 -10.00
C MET B 155 -24.39 7.87 -11.20
N LEU B 156 -24.12 7.42 -12.42
CA LEU B 156 -24.60 8.06 -13.64
C LEU B 156 -26.12 8.01 -13.76
N ASP B 157 -26.76 6.91 -13.36
CA ASP B 157 -28.22 6.82 -13.27
C ASP B 157 -28.83 7.72 -12.17
N SER B 158 -28.03 8.25 -11.25
CA SER B 158 -28.51 9.04 -10.10
C SER B 158 -28.54 10.55 -10.30
N VAL B 159 -28.22 11.06 -11.49
CA VAL B 159 -28.27 12.50 -11.85
C VAL B 159 -28.99 12.71 -13.18
N PRO B 160 -29.75 13.81 -13.37
CA PRO B 160 -30.66 13.95 -14.52
C PRO B 160 -29.95 14.12 -15.86
N GLU B 161 -28.74 14.67 -15.91
CA GLU B 161 -27.94 14.79 -17.14
C GLU B 161 -27.07 13.55 -17.45
N LYS B 162 -27.00 12.57 -16.55
CA LYS B 162 -26.25 11.31 -16.73
C LYS B 162 -24.75 11.49 -17.07
N ARG B 163 -24.10 12.51 -16.51
CA ARG B 163 -22.68 12.87 -16.72
C ARG B 163 -21.97 13.38 -15.47
N PHE B 164 -20.64 13.38 -15.48
CA PHE B 164 -19.78 13.93 -14.42
C PHE B 164 -19.14 15.25 -14.85
N PRO B 165 -18.84 16.17 -13.91
CA PRO B 165 -17.94 17.29 -14.17
C PRO B 165 -16.59 16.84 -14.74
N VAL B 166 -15.97 17.64 -15.60
CA VAL B 166 -14.72 17.29 -16.30
C VAL B 166 -13.58 16.98 -15.33
N CYS B 167 -13.53 17.65 -14.19
CA CYS B 167 -12.56 17.41 -13.13
C CYS B 167 -12.71 16.03 -12.46
N GLN B 168 -13.94 15.53 -12.28
CA GLN B 168 -14.24 14.21 -11.73
C GLN B 168 -14.05 13.10 -12.76
N ALA B 169 -14.49 13.32 -14.01
CA ALA B 169 -14.31 12.37 -15.11
C ALA B 169 -12.84 12.09 -15.41
N HIS B 170 -11.99 13.13 -15.43
CA HIS B 170 -10.53 13.00 -15.59
C HIS B 170 -9.89 12.13 -14.50
N GLY B 171 -10.32 12.29 -13.25
CA GLY B 171 -9.82 11.49 -12.12
C GLY B 171 -10.15 10.00 -12.21
N TYR B 172 -11.29 9.60 -12.78
CA TYR B 172 -11.59 8.19 -13.04
C TYR B 172 -10.89 7.66 -14.30
N PHE B 173 -10.79 8.47 -15.36
CA PHE B 173 -10.15 8.05 -16.60
C PHE B 173 -8.66 7.74 -16.41
N CYS B 174 -7.94 8.51 -15.60
CA CYS B 174 -6.55 8.19 -15.26
C CYS B 174 -6.40 6.85 -14.52
N GLN B 175 -7.34 6.49 -13.64
CA GLN B 175 -7.35 5.19 -12.97
C GLN B 175 -7.72 4.03 -13.90
N LEU B 176 -8.62 4.24 -14.86
CA LEU B 176 -8.93 3.26 -15.90
C LEU B 176 -7.69 2.96 -16.75
N ILE B 177 -6.97 3.98 -17.19
CA ILE B 177 -5.78 3.84 -18.03
C ILE B 177 -4.61 3.19 -17.26
N ASP B 178 -4.44 3.46 -15.97
CA ASP B 178 -3.52 2.71 -15.10
C ASP B 178 -3.87 1.22 -15.00
N GLY B 179 -5.14 0.87 -14.85
CA GLY B 179 -5.59 -0.53 -14.83
C GLY B 179 -5.47 -1.24 -16.18
N LEU B 180 -5.81 -0.59 -17.30
CA LEU B 180 -5.64 -1.17 -18.65
C LEU B 180 -4.17 -1.37 -19.01
N GLU B 181 -3.28 -0.45 -18.69
CA GLU B 181 -1.85 -0.66 -18.95
C GLU B 181 -1.28 -1.84 -18.16
N TYR B 182 -1.72 -2.06 -16.92
CA TYR B 182 -1.39 -3.29 -16.20
C TYR B 182 -1.91 -4.52 -16.93
N LEU B 183 -3.23 -4.62 -17.21
CA LEU B 183 -3.82 -5.77 -17.88
C LEU B 183 -3.15 -6.08 -19.23
N HIS B 184 -2.87 -5.07 -20.06
CA HIS B 184 -2.18 -5.27 -21.33
C HIS B 184 -0.72 -5.72 -21.16
N SER B 185 0.01 -5.23 -20.16
CA SER B 185 1.38 -5.70 -19.87
C SER B 185 1.44 -7.17 -19.46
N GLN B 186 0.38 -7.67 -18.82
CA GLN B 186 0.20 -9.08 -18.43
C GLN B 186 -0.39 -9.96 -19.55
N GLY B 187 -0.73 -9.38 -20.71
CA GLY B 187 -1.31 -10.11 -21.83
C GLY B 187 -2.82 -10.38 -21.73
N ILE B 188 -3.57 -9.64 -20.91
CA ILE B 188 -5.01 -9.81 -20.75
C ILE B 188 -5.75 -8.76 -21.57
N VAL B 189 -6.70 -9.17 -22.40
CA VAL B 189 -7.61 -8.29 -23.15
C VAL B 189 -8.98 -8.34 -22.47
N HIS B 190 -9.44 -7.22 -21.91
CA HIS B 190 -10.73 -7.14 -21.22
C HIS B 190 -11.79 -6.61 -22.21
N LYS B 191 -12.54 -7.50 -22.86
CA LYS B 191 -13.40 -7.14 -24.00
C LYS B 191 -14.69 -6.38 -23.65
N ASP B 192 -14.91 -6.05 -22.39
CA ASP B 192 -16.18 -5.50 -21.88
C ASP B 192 -15.98 -4.27 -20.98
N ILE B 193 -15.06 -3.37 -21.32
CA ILE B 193 -14.88 -2.10 -20.61
C ILE B 193 -16.10 -1.21 -20.84
N LYS B 194 -16.80 -0.84 -19.76
CA LYS B 194 -17.93 0.11 -19.74
C LYS B 194 -18.20 0.56 -18.29
N PRO B 195 -18.92 1.67 -18.02
CA PRO B 195 -19.25 2.11 -16.66
C PRO B 195 -19.93 1.06 -15.76
N GLY B 196 -20.64 0.07 -16.32
CA GLY B 196 -21.22 -1.02 -15.52
C GLY B 196 -20.20 -2.01 -14.92
N ASN B 197 -18.97 -2.05 -15.43
CA ASN B 197 -17.89 -2.94 -15.01
C ASN B 197 -16.72 -2.21 -14.31
N LEU B 198 -16.94 -0.96 -13.89
CA LEU B 198 -15.98 -0.15 -13.14
C LEU B 198 -16.57 0.13 -11.76
N LEU B 199 -15.91 -0.29 -10.69
CA LEU B 199 -16.44 -0.27 -9.32
C LEU B 199 -15.65 0.69 -8.43
N LEU B 200 -16.29 1.33 -7.45
CA LEU B 200 -15.65 2.28 -6.54
C LEU B 200 -15.61 1.76 -5.10
N THR B 201 -14.42 1.76 -4.51
CA THR B 201 -14.21 1.49 -3.06
C THR B 201 -14.61 2.71 -2.21
N THR B 202 -14.73 2.53 -0.90
CA THR B 202 -15.06 3.62 0.05
C THR B 202 -14.04 4.75 0.05
N GLY B 203 -12.76 4.46 -0.23
CA GLY B 203 -11.70 5.45 -0.39
C GLY B 203 -11.68 6.19 -1.74
N GLY B 204 -12.60 5.90 -2.65
CA GLY B 204 -12.67 6.53 -3.97
C GLY B 204 -11.69 5.95 -5.00
N THR B 205 -11.04 4.81 -4.72
CA THR B 205 -10.25 4.07 -5.72
C THR B 205 -11.16 3.24 -6.63
N LEU B 206 -10.96 3.35 -7.95
CA LEU B 206 -11.63 2.60 -8.99
C LEU B 206 -11.02 1.21 -9.21
N LYS B 207 -11.87 0.20 -9.43
CA LYS B 207 -11.51 -1.20 -9.69
C LYS B 207 -12.18 -1.69 -10.98
N ILE B 208 -11.40 -2.23 -11.91
CA ILE B 208 -11.89 -2.95 -13.11
C ILE B 208 -12.33 -4.35 -12.66
N SER B 209 -13.58 -4.78 -12.92
CA SER B 209 -14.15 -5.96 -12.24
C SER B 209 -14.37 -7.20 -13.10
N ASP B 210 -15.28 -7.19 -14.07
CA ASP B 210 -15.86 -8.45 -14.58
C ASP B 210 -15.00 -9.14 -15.67
N LEU B 211 -14.01 -9.93 -15.25
CA LEU B 211 -13.05 -10.64 -16.11
C LEU B 211 -13.60 -11.89 -16.84
N GLY B 212 -14.90 -12.19 -16.76
CA GLY B 212 -15.47 -13.43 -17.34
C GLY B 212 -15.44 -13.50 -18.87
N VAL B 213 -15.49 -12.35 -19.55
CA VAL B 213 -15.50 -12.20 -21.02
C VAL B 213 -14.09 -12.09 -21.62
N ALA B 214 -13.07 -11.84 -20.79
CA ALA B 214 -11.69 -11.55 -21.19
C ALA B 214 -11.00 -12.68 -21.98
N GLU B 215 -9.95 -12.34 -22.72
CA GLU B 215 -9.06 -13.27 -23.42
C GLU B 215 -7.61 -13.05 -23.00
N ALA B 216 -6.86 -14.13 -22.71
CA ALA B 216 -5.44 -14.05 -22.38
C ALA B 216 -4.58 -14.50 -23.57
N LEU B 217 -3.66 -13.65 -24.00
CA LEU B 217 -2.71 -13.91 -25.09
C LEU B 217 -1.70 -15.00 -24.70
N HIS B 218 -1.29 -15.84 -25.65
CA HIS B 218 -0.28 -16.87 -25.44
C HIS B 218 1.11 -16.26 -25.19
N PRO B 219 1.90 -16.73 -24.20
CA PRO B 219 3.16 -16.10 -23.81
C PRO B 219 4.18 -15.87 -24.94
N PHE B 220 4.21 -16.72 -25.96
CA PHE B 220 5.17 -16.65 -27.06
C PHE B 220 4.62 -16.04 -28.36
N ALA B 221 3.36 -15.59 -28.39
CA ALA B 221 2.83 -14.81 -29.51
C ALA B 221 3.42 -13.39 -29.50
N ALA B 222 3.98 -12.95 -30.63
CA ALA B 222 4.70 -11.67 -30.72
C ALA B 222 3.79 -10.42 -30.74
N ASP B 223 2.48 -10.58 -30.95
CA ASP B 223 1.50 -9.50 -31.05
C ASP B 223 0.14 -9.90 -30.45
N ASP B 224 -0.73 -8.92 -30.21
CA ASP B 224 -2.02 -9.05 -29.52
C ASP B 224 -3.21 -9.47 -30.40
N THR B 225 -2.97 -10.13 -31.55
CA THR B 225 -4.06 -10.58 -32.44
C THR B 225 -5.09 -11.48 -31.75
N CYS B 226 -6.37 -11.14 -31.89
CA CYS B 226 -7.54 -11.83 -31.34
C CYS B 226 -8.47 -12.33 -32.44
N ARG B 227 -9.25 -13.38 -32.15
CA ARG B 227 -10.23 -13.98 -33.09
C ARG B 227 -11.69 -13.63 -32.78
N THR B 228 -12.09 -13.68 -31.52
CA THR B 228 -13.52 -13.89 -31.17
C THR B 228 -14.23 -12.61 -30.72
N SER B 229 -15.36 -12.32 -31.35
CA SER B 229 -16.31 -11.26 -31.02
C SER B 229 -17.11 -11.57 -29.75
N GLN B 230 -16.99 -10.73 -28.71
CA GLN B 230 -17.64 -10.93 -27.40
C GLN B 230 -17.87 -9.58 -26.68
N GLY B 231 -18.71 -9.57 -25.65
CA GLY B 231 -18.96 -8.40 -24.80
C GLY B 231 -20.10 -7.49 -25.27
N SER B 232 -20.31 -6.36 -24.59
CA SER B 232 -21.48 -5.49 -24.77
C SER B 232 -21.50 -4.81 -26.16
N PRO B 233 -22.53 -5.00 -27.00
CA PRO B 233 -22.58 -4.48 -28.37
C PRO B 233 -22.35 -2.98 -28.54
N ALA B 234 -22.88 -2.13 -27.65
CA ALA B 234 -22.78 -0.67 -27.77
C ALA B 234 -21.36 -0.12 -27.54
N PHE B 235 -20.44 -0.91 -26.99
CA PHE B 235 -19.05 -0.52 -26.72
C PHE B 235 -18.03 -1.19 -27.66
N GLN B 236 -18.47 -1.93 -28.69
CA GLN B 236 -17.56 -2.63 -29.62
C GLN B 236 -17.17 -1.78 -30.83
N PRO B 237 -15.94 -1.93 -31.37
CA PRO B 237 -15.46 -1.19 -32.53
C PRO B 237 -15.99 -1.74 -33.87
N PRO B 238 -15.80 -0.99 -34.97
CA PRO B 238 -16.15 -1.43 -36.32
C PRO B 238 -15.59 -2.80 -36.72
N GLU B 239 -14.38 -3.17 -36.29
CA GLU B 239 -13.82 -4.50 -36.54
C GLU B 239 -14.75 -5.65 -36.11
N ILE B 240 -15.51 -5.47 -35.02
CA ILE B 240 -16.48 -6.44 -34.52
C ILE B 240 -17.80 -6.36 -35.30
N ALA B 241 -18.29 -5.14 -35.54
CA ALA B 241 -19.55 -4.92 -36.26
C ALA B 241 -19.50 -5.39 -37.73
N ASN B 242 -18.34 -5.26 -38.38
CA ASN B 242 -18.07 -5.78 -39.73
C ASN B 242 -17.76 -7.29 -39.75
N GLY B 243 -17.57 -7.93 -38.58
CA GLY B 243 -17.35 -9.37 -38.47
C GLY B 243 -16.02 -9.88 -39.03
N LEU B 244 -14.92 -9.13 -38.88
CA LEU B 244 -13.59 -9.51 -39.40
C LEU B 244 -13.02 -10.78 -38.71
N ASP B 245 -12.16 -11.51 -39.42
CA ASP B 245 -11.56 -12.77 -38.94
C ASP B 245 -10.48 -12.59 -37.85
N THR B 246 -9.72 -11.50 -37.90
CA THR B 246 -8.62 -11.17 -36.98
C THR B 246 -8.53 -9.67 -36.73
N PHE B 247 -8.19 -9.26 -35.50
CA PHE B 247 -7.99 -7.85 -35.13
C PHE B 247 -7.04 -7.74 -33.93
N SER B 248 -6.42 -6.58 -33.72
CA SER B 248 -5.64 -6.29 -32.50
C SER B 248 -6.54 -6.22 -31.27
N GLY B 249 -6.30 -7.05 -30.26
CA GLY B 249 -7.06 -7.05 -29.02
C GLY B 249 -6.90 -5.76 -28.21
N PHE B 250 -5.69 -5.23 -28.08
CA PHE B 250 -5.46 -4.01 -27.31
C PHE B 250 -6.17 -2.80 -27.90
N LYS B 251 -6.25 -2.68 -29.23
CA LYS B 251 -7.00 -1.61 -29.91
C LYS B 251 -8.53 -1.73 -29.82
N VAL B 252 -9.09 -2.86 -29.38
CA VAL B 252 -10.52 -2.98 -29.05
C VAL B 252 -10.80 -2.27 -27.74
N ASP B 253 -9.97 -2.46 -26.71
CA ASP B 253 -10.13 -1.85 -25.40
C ASP B 253 -9.98 -0.32 -25.43
N ILE B 254 -9.15 0.22 -26.32
CA ILE B 254 -9.05 1.67 -26.54
C ILE B 254 -10.36 2.26 -27.08
N TRP B 255 -11.07 1.56 -27.99
CA TRP B 255 -12.39 2.00 -28.43
C TRP B 255 -13.39 2.00 -27.28
N SER B 256 -13.46 0.93 -26.50
CA SER B 256 -14.39 0.82 -25.37
C SER B 256 -14.11 1.83 -24.25
N ALA B 257 -12.85 2.16 -23.97
CA ALA B 257 -12.46 3.28 -23.11
C ALA B 257 -12.80 4.64 -23.74
N GLY B 258 -12.79 4.78 -25.06
CA GLY B 258 -13.23 5.96 -25.79
C GLY B 258 -14.74 6.19 -25.70
N VAL B 259 -15.56 5.16 -25.90
CA VAL B 259 -17.02 5.22 -25.70
C VAL B 259 -17.34 5.50 -24.23
N THR B 260 -16.56 4.96 -23.29
CA THR B 260 -16.69 5.28 -21.86
C THR B 260 -16.42 6.76 -21.57
N LEU B 261 -15.28 7.33 -21.99
CA LEU B 261 -15.00 8.75 -21.81
C LEU B 261 -16.04 9.64 -22.51
N TYR B 262 -16.48 9.31 -23.72
CA TYR B 262 -17.54 10.03 -24.40
C TYR B 262 -18.81 10.05 -23.56
N ASN B 263 -19.25 8.90 -23.06
CA ASN B 263 -20.47 8.77 -22.29
C ASN B 263 -20.40 9.53 -20.95
N ILE B 264 -19.39 9.30 -20.11
CA ILE B 264 -19.37 9.89 -18.77
C ILE B 264 -19.17 11.41 -18.79
N THR B 265 -18.59 11.98 -19.85
CA THR B 265 -18.42 13.44 -20.01
C THR B 265 -19.58 14.12 -20.73
N THR B 266 -20.29 13.41 -21.60
CA THR B 266 -21.31 14.00 -22.49
C THR B 266 -22.74 13.63 -22.13
N GLY B 267 -22.97 12.49 -21.48
CA GLY B 267 -24.31 11.99 -21.13
C GLY B 267 -25.07 11.34 -22.29
N LEU B 268 -24.38 10.98 -23.36
CA LEU B 268 -24.91 10.45 -24.63
C LEU B 268 -24.09 9.22 -25.09
N TYR B 269 -24.53 8.53 -26.13
CA TYR B 269 -23.77 7.49 -26.82
C TYR B 269 -23.44 7.92 -28.27
N PRO B 270 -22.26 7.60 -28.80
CA PRO B 270 -21.88 8.00 -30.15
C PRO B 270 -22.67 7.27 -31.24
N PHE B 271 -23.09 6.03 -30.99
CA PHE B 271 -23.84 5.16 -31.90
C PHE B 271 -25.08 4.58 -31.19
N GLU B 272 -26.20 4.50 -31.90
CA GLU B 272 -27.47 3.97 -31.37
C GLU B 272 -28.21 3.11 -32.42
N GLY B 273 -29.09 2.23 -31.97
CA GLY B 273 -29.97 1.43 -32.83
C GLY B 273 -30.97 0.59 -32.03
N ASP B 274 -32.14 0.30 -32.60
CA ASP B 274 -33.24 -0.38 -31.91
C ASP B 274 -32.98 -1.87 -31.61
N ASN B 275 -32.11 -2.51 -32.38
CA ASN B 275 -31.72 -3.91 -32.24
C ASN B 275 -30.26 -4.12 -32.69
N ILE B 276 -29.69 -5.28 -32.40
CA ILE B 276 -28.27 -5.59 -32.64
C ILE B 276 -27.86 -5.37 -34.11
N TYR B 277 -28.73 -5.72 -35.07
CA TYR B 277 -28.44 -5.54 -36.49
C TYR B 277 -28.39 -4.06 -36.89
N LYS B 278 -29.37 -3.25 -36.46
CA LYS B 278 -29.37 -1.80 -36.74
C LYS B 278 -28.21 -1.08 -36.05
N LEU B 279 -27.88 -1.48 -34.81
CA LEU B 279 -26.74 -0.95 -34.05
C LEU B 279 -25.41 -1.25 -34.76
N PHE B 280 -25.15 -2.49 -35.17
CA PHE B 280 -23.93 -2.81 -35.91
C PHE B 280 -23.92 -2.23 -37.34
N GLU B 281 -25.04 -2.04 -38.03
CA GLU B 281 -25.05 -1.26 -39.27
C GLU B 281 -24.64 0.19 -39.04
N ASN B 282 -25.09 0.83 -37.96
CA ASN B 282 -24.70 2.20 -37.63
C ASN B 282 -23.24 2.30 -37.14
N ILE B 283 -22.71 1.31 -36.42
CA ILE B 283 -21.28 1.28 -36.05
C ILE B 283 -20.40 1.00 -37.27
N GLY B 284 -20.81 0.13 -38.19
CA GLY B 284 -20.03 -0.20 -39.39
C GLY B 284 -19.83 0.97 -40.35
N LYS B 285 -20.77 1.92 -40.42
CA LYS B 285 -20.63 3.20 -41.15
C LYS B 285 -19.52 4.09 -40.57
N GLY B 286 -19.16 3.93 -39.29
CA GLY B 286 -18.06 4.64 -38.64
C GLY B 286 -18.30 6.12 -38.33
N SER B 287 -19.50 6.65 -38.58
CA SER B 287 -19.80 8.09 -38.53
C SER B 287 -20.59 8.48 -37.27
N TYR B 288 -20.14 9.53 -36.58
CA TYR B 288 -20.66 10.04 -35.32
C TYR B 288 -20.38 11.54 -35.17
N ALA B 289 -21.01 12.19 -34.20
CA ALA B 289 -20.86 13.62 -33.91
C ALA B 289 -20.46 13.87 -32.45
N ILE B 290 -19.81 15.01 -32.19
CA ILE B 290 -19.43 15.49 -30.86
C ILE B 290 -20.16 16.81 -30.55
N PRO B 291 -20.91 16.94 -29.45
CA PRO B 291 -21.69 18.14 -29.13
C PRO B 291 -20.90 19.45 -29.00
N GLY B 292 -21.62 20.58 -29.04
CA GLY B 292 -21.03 21.92 -29.02
C GLY B 292 -20.49 22.40 -27.67
N ASP B 293 -20.92 21.81 -26.55
CA ASP B 293 -20.36 22.12 -25.21
C ASP B 293 -19.07 21.33 -24.89
N CYS B 294 -18.64 20.42 -25.78
CA CYS B 294 -17.40 19.67 -25.63
C CYS B 294 -16.18 20.56 -25.94
N GLY B 295 -15.21 20.64 -25.03
CA GLY B 295 -14.03 21.50 -25.18
C GLY B 295 -13.08 21.03 -26.30
N PRO B 296 -12.33 21.91 -26.98
CA PRO B 296 -11.38 21.51 -28.01
C PRO B 296 -10.32 20.48 -27.60
N PRO B 297 -9.70 20.53 -26.39
CA PRO B 297 -8.76 19.48 -25.95
C PRO B 297 -9.41 18.10 -25.82
N LEU B 298 -10.60 18.00 -25.23
CA LEU B 298 -11.32 16.73 -25.09
C LEU B 298 -11.83 16.23 -26.44
N SER B 299 -12.31 17.12 -27.30
CA SER B 299 -12.81 16.76 -28.63
C SER B 299 -11.74 16.11 -29.51
N ASP B 300 -10.49 16.53 -29.38
CA ASP B 300 -9.36 15.93 -30.09
C ASP B 300 -9.00 14.54 -29.55
N LEU B 301 -9.00 14.35 -28.22
CA LEU B 301 -8.76 13.05 -27.59
C LEU B 301 -9.85 12.03 -27.95
N LEU B 302 -11.12 12.44 -27.95
CA LEU B 302 -12.26 11.64 -28.42
C LEU B 302 -12.30 11.43 -29.94
N LYS B 303 -11.37 11.97 -30.73
CA LYS B 303 -11.18 11.65 -32.15
C LYS B 303 -9.95 10.78 -32.41
N GLY B 304 -8.99 10.72 -31.49
CA GLY B 304 -7.85 9.79 -31.56
C GLY B 304 -8.19 8.39 -31.04
N MET B 305 -8.94 8.32 -29.94
CA MET B 305 -9.85 7.21 -29.65
C MET B 305 -11.09 7.36 -30.55
N LEU B 306 -11.95 6.35 -30.70
CA LEU B 306 -13.07 6.40 -31.67
C LEU B 306 -12.65 6.67 -33.13
N GLU B 307 -11.48 6.18 -33.53
CA GLU B 307 -10.96 6.27 -34.90
C GLU B 307 -11.19 4.94 -35.65
N TYR B 308 -11.67 5.02 -36.89
CA TYR B 308 -12.20 3.88 -37.63
C TYR B 308 -11.15 2.82 -38.00
N GLU B 309 -9.92 3.22 -38.31
CA GLU B 309 -8.85 2.31 -38.71
C GLU B 309 -7.90 2.03 -37.54
N PRO B 310 -7.69 0.78 -37.09
CA PRO B 310 -6.92 0.47 -35.90
C PRO B 310 -5.48 0.99 -35.89
N ALA B 311 -4.86 1.16 -37.05
CA ALA B 311 -3.53 1.74 -37.15
C ALA B 311 -3.48 3.25 -36.83
N LYS B 312 -4.56 3.99 -37.07
CA LYS B 312 -4.65 5.44 -36.76
C LYS B 312 -5.09 5.73 -35.34
N ARG B 313 -5.85 4.81 -34.73
CA ARG B 313 -6.39 4.89 -33.37
C ARG B 313 -5.25 4.94 -32.32
N PHE B 314 -5.38 5.79 -31.31
CA PHE B 314 -4.32 6.00 -30.30
C PHE B 314 -3.89 4.73 -29.56
N SER B 315 -2.63 4.68 -29.13
CA SER B 315 -2.12 3.76 -28.11
C SER B 315 -2.21 4.36 -26.70
N ILE B 316 -2.00 3.55 -25.65
CA ILE B 316 -1.94 4.04 -24.26
C ILE B 316 -0.89 5.14 -24.10
N ARG B 317 0.24 5.05 -24.81
CA ARG B 317 1.28 6.09 -24.86
C ARG B 317 0.72 7.42 -25.37
N GLN B 318 0.05 7.44 -26.52
CA GLN B 318 -0.53 8.68 -27.07
C GLN B 318 -1.65 9.26 -26.21
N ILE B 319 -2.41 8.42 -25.49
CA ILE B 319 -3.40 8.88 -24.50
C ILE B 319 -2.70 9.56 -23.32
N ARG B 320 -1.72 8.93 -22.68
CA ARG B 320 -0.97 9.54 -21.56
C ARG B 320 -0.23 10.83 -21.96
N GLN B 321 0.20 10.96 -23.21
CA GLN B 321 0.91 12.14 -23.72
C GLN B 321 -0.02 13.28 -24.15
N HIS B 322 -1.33 13.07 -24.27
CA HIS B 322 -2.29 14.08 -24.77
C HIS B 322 -2.48 15.26 -23.82
N SER B 323 -2.75 16.45 -24.35
CA SER B 323 -2.93 17.69 -23.60
C SER B 323 -4.04 17.60 -22.55
N TRP B 324 -5.21 17.04 -22.86
CA TRP B 324 -6.30 16.90 -21.89
C TRP B 324 -5.95 15.95 -20.75
N PHE B 325 -5.14 14.92 -21.02
CA PHE B 325 -4.70 13.97 -20.00
C PHE B 325 -3.68 14.59 -19.05
N ARG B 326 -2.68 15.33 -19.58
CA ARG B 326 -1.59 15.93 -18.81
C ARG B 326 -1.93 17.26 -18.12
N LYS B 327 -2.94 17.98 -18.60
CA LYS B 327 -3.47 19.18 -17.94
C LYS B 327 -3.97 18.88 -16.52
N LYS B 328 -3.98 19.90 -15.66
CA LYS B 328 -4.64 19.87 -14.35
C LYS B 328 -5.97 20.60 -14.45
N HIS B 329 -7.06 19.96 -14.03
CA HIS B 329 -8.43 20.47 -14.20
C HIS B 329 -8.96 21.03 -12.89
N PRO B 330 -9.46 22.28 -12.85
CA PRO B 330 -9.94 22.90 -11.62
C PRO B 330 -11.31 22.36 -11.20
N PRO B 331 -11.62 22.30 -9.89
CA PRO B 331 -12.91 21.84 -9.36
C PRO B 331 -14.00 22.92 -9.51
N ALA B 332 -14.33 23.27 -10.75
CA ALA B 332 -15.25 24.37 -11.10
C ALA B 332 -16.72 24.14 -10.70
N GLU B 333 -17.11 22.89 -10.43
CA GLU B 333 -18.47 22.48 -10.06
C GLU B 333 -18.41 21.39 -8.97
N ALA B 334 -19.50 21.20 -8.23
CA ALA B 334 -19.60 20.15 -7.22
C ALA B 334 -19.57 18.75 -7.87
N PRO B 335 -18.80 17.78 -7.34
CA PRO B 335 -18.77 16.42 -7.86
C PRO B 335 -20.06 15.66 -7.54
N VAL B 336 -20.40 14.68 -8.36
CA VAL B 336 -21.53 13.76 -8.12
C VAL B 336 -21.18 12.81 -6.97
N PRO B 337 -21.98 12.77 -5.88
CA PRO B 337 -21.71 11.88 -4.75
C PRO B 337 -22.11 10.43 -5.05
N ILE B 338 -21.56 9.48 -4.29
CA ILE B 338 -22.08 8.11 -4.29
C ILE B 338 -23.51 8.12 -3.71
N PRO B 339 -24.52 7.58 -4.40
CA PRO B 339 -25.93 7.73 -4.00
C PRO B 339 -26.27 6.95 -2.72
N PRO B 340 -27.27 7.38 -1.94
CA PRO B 340 -27.67 6.69 -0.71
C PRO B 340 -28.23 5.30 -0.99
N SER B 341 -28.20 4.40 0.01
CA SER B 341 -28.65 3.02 -0.17
C SER B 341 -30.11 2.96 -0.66
N PRO B 342 -30.45 2.17 -1.69
CA PRO B 342 -31.69 2.35 -2.45
C PRO B 342 -32.96 2.04 -1.65
N ASP B 343 -32.93 1.02 -0.79
CA ASP B 343 -34.06 0.65 0.06
C ASP B 343 -34.13 1.50 1.34
N THR B 344 -33.11 1.43 2.20
CA THR B 344 -33.10 2.05 3.54
C THR B 344 -32.85 3.55 3.56
N LYS B 345 -32.42 4.15 2.44
CA LYS B 345 -32.02 5.57 2.31
C LYS B 345 -30.82 6.00 3.17
N ASP B 346 -30.06 5.06 3.74
CA ASP B 346 -28.82 5.32 4.49
C ASP B 346 -27.74 5.94 3.59
N ARG B 347 -27.34 7.19 3.87
CA ARG B 347 -26.33 7.92 3.08
C ARG B 347 -24.92 7.34 3.17
N TRP B 348 -24.57 6.62 4.24
CA TRP B 348 -23.23 6.06 4.42
C TRP B 348 -23.06 4.63 3.89
N ARG B 349 -24.16 3.96 3.51
CA ARG B 349 -24.19 2.56 3.04
C ARG B 349 -23.53 1.60 4.04
N SER B 350 -23.94 1.70 5.30
CA SER B 350 -23.42 0.91 6.43
C SER B 350 -23.73 -0.59 6.32
N MET B 351 -23.11 -1.42 7.17
CA MET B 351 -23.25 -2.89 7.11
C MET B 351 -24.69 -3.34 7.39
N THR B 352 -25.19 -4.29 6.60
CA THR B 352 -26.52 -4.90 6.79
C THR B 352 -26.53 -6.04 7.82
N VAL B 353 -25.37 -6.43 8.37
CA VAL B 353 -25.18 -7.65 9.18
C VAL B 353 -25.75 -7.59 10.60
N VAL B 354 -26.09 -6.42 11.15
CA VAL B 354 -26.51 -6.27 12.55
C VAL B 354 -27.69 -7.17 12.96
N PRO B 355 -28.81 -7.26 12.21
CA PRO B 355 -29.89 -8.18 12.55
C PRO B 355 -29.51 -9.66 12.42
N TYR B 356 -28.42 -10.00 11.72
CA TYR B 356 -27.87 -11.35 11.68
C TYR B 356 -26.95 -11.63 12.87
N LEU B 357 -26.15 -10.66 13.31
CA LEU B 357 -25.41 -10.74 14.58
C LEU B 357 -26.36 -10.93 15.76
N GLU B 358 -27.47 -10.20 15.81
CA GLU B 358 -28.51 -10.35 16.84
C GLU B 358 -29.29 -11.67 16.77
N ASP B 359 -29.19 -12.45 15.69
CA ASP B 359 -29.70 -13.82 15.67
C ASP B 359 -28.66 -14.81 16.23
N LEU B 360 -27.40 -14.65 15.82
CA LEU B 360 -26.32 -15.56 16.16
C LEU B 360 -25.78 -15.38 17.59
N HIS B 361 -25.95 -14.19 18.18
CA HIS B 361 -25.46 -13.79 19.51
C HIS B 361 -23.96 -14.03 19.69
N GLY B 362 -23.16 -13.56 18.74
CA GLY B 362 -21.72 -13.81 18.69
C GLY B 362 -21.32 -14.90 17.70
N ALA B 363 -20.54 -15.88 18.17
CA ALA B 363 -19.82 -16.92 17.43
C ALA B 363 -18.71 -16.40 16.48
N SER C 37 25.67 5.85 21.39
CA SER C 37 26.39 4.62 21.01
C SER C 37 25.82 4.03 19.74
N SER C 38 26.67 3.46 18.87
CA SER C 38 26.29 2.79 17.62
C SER C 38 26.47 1.27 17.73
N PHE C 39 25.48 0.51 17.23
CA PHE C 39 25.40 -0.94 17.33
C PHE C 39 25.68 -1.61 15.98
N LEU C 40 26.64 -2.55 15.93
CA LEU C 40 27.05 -3.19 14.68
C LEU C 40 25.95 -4.09 14.10
N PRO C 41 25.72 -4.05 12.77
CA PRO C 41 24.75 -4.89 12.07
C PRO C 41 25.35 -6.27 11.71
N GLU C 42 25.87 -6.99 12.70
CA GLU C 42 26.38 -8.36 12.53
C GLU C 42 25.88 -9.28 13.64
N GLY C 43 25.41 -10.48 13.28
CA GLY C 43 24.74 -11.41 14.19
C GLY C 43 25.63 -12.02 15.28
N GLY C 44 26.96 -11.94 15.13
CA GLY C 44 27.91 -12.45 16.12
C GLY C 44 28.10 -11.56 17.36
N CYS C 45 27.73 -10.28 17.30
CA CYS C 45 27.97 -9.30 18.37
C CYS C 45 27.01 -9.41 19.56
N TYR C 46 25.95 -10.21 19.45
CA TYR C 46 24.88 -10.30 20.46
C TYR C 46 24.83 -11.70 21.07
N GLU C 47 24.94 -11.79 22.39
CA GLU C 47 24.66 -13.01 23.15
C GLU C 47 23.19 -12.99 23.63
N LEU C 48 22.34 -13.85 23.07
CA LEU C 48 20.94 -13.97 23.49
C LEU C 48 20.86 -14.74 24.81
N LEU C 49 20.15 -14.21 25.81
CA LEU C 49 20.16 -14.72 27.19
C LEU C 49 18.88 -15.44 27.61
N THR C 50 17.70 -14.91 27.30
CA THR C 50 16.40 -15.49 27.69
C THR C 50 15.26 -14.94 26.83
N VAL C 51 14.08 -15.56 26.86
CA VAL C 51 12.88 -15.12 26.12
C VAL C 51 12.01 -14.27 27.03
N ILE C 52 11.65 -13.06 26.61
CA ILE C 52 10.86 -12.10 27.38
C ILE C 52 9.46 -11.81 26.79
N GLY C 53 9.15 -12.37 25.61
CA GLY C 53 7.84 -12.23 24.97
C GLY C 53 7.81 -12.77 23.54
N LYS C 54 6.63 -12.76 22.93
CA LYS C 54 6.39 -13.18 21.53
C LYS C 54 5.36 -12.29 20.83
N GLY C 55 5.33 -12.29 19.51
CA GLY C 55 4.43 -11.41 18.75
C GLY C 55 4.34 -11.68 17.25
N PHE C 56 3.97 -10.66 16.49
CA PHE C 56 3.43 -10.73 15.12
C PHE C 56 2.27 -11.75 15.07
N GLU C 57 2.17 -12.59 14.03
CA GLU C 57 1.15 -13.63 13.95
C GLU C 57 1.34 -14.68 15.08
N ASP C 58 2.44 -15.42 15.03
CA ASP C 58 3.09 -16.07 16.19
C ASP C 58 4.59 -16.24 15.92
N LEU C 59 5.12 -15.42 15.01
CA LEU C 59 6.39 -15.62 14.33
C LEU C 59 7.56 -14.90 15.01
N MET C 60 7.27 -13.85 15.79
CA MET C 60 8.31 -13.07 16.43
C MET C 60 8.67 -13.63 17.80
N THR C 61 9.96 -13.77 18.09
CA THR C 61 10.48 -14.02 19.44
C THR C 61 11.24 -12.80 19.94
N VAL C 62 10.98 -12.37 21.17
CA VAL C 62 11.65 -11.24 21.81
C VAL C 62 12.62 -11.77 22.86
N ASN C 63 13.89 -11.43 22.75
CA ASN C 63 14.98 -11.91 23.60
C ASN C 63 15.65 -10.76 24.35
N LEU C 64 15.98 -10.96 25.62
CA LEU C 64 17.01 -10.18 26.30
C LEU C 64 18.38 -10.64 25.79
N ALA C 65 19.30 -9.72 25.56
CA ALA C 65 20.63 -10.02 25.06
C ALA C 65 21.71 -9.12 25.67
N ARG C 66 22.97 -9.54 25.56
CA ARG C 66 24.16 -8.77 25.93
C ARG C 66 24.95 -8.41 24.67
N TYR C 67 25.23 -7.13 24.45
CA TYR C 67 26.06 -6.66 23.35
C TYR C 67 27.54 -6.82 23.71
N LYS C 68 28.22 -7.79 23.10
CA LYS C 68 29.58 -8.22 23.50
C LYS C 68 30.64 -7.10 23.50
N PRO C 69 30.68 -6.15 22.53
CA PRO C 69 31.71 -5.11 22.50
C PRO C 69 31.73 -4.16 23.71
N THR C 70 30.65 -4.06 24.49
CA THR C 70 30.54 -3.14 25.64
C THR C 70 30.00 -3.77 26.93
N GLY C 71 29.26 -4.88 26.84
CA GLY C 71 28.52 -5.45 27.97
C GLY C 71 27.16 -4.80 28.25
N GLU C 72 26.69 -3.89 27.40
CA GLU C 72 25.34 -3.30 27.50
C GLU C 72 24.24 -4.35 27.24
N TYR C 73 23.15 -4.32 28.01
CA TYR C 73 21.99 -5.19 27.81
C TYR C 73 20.96 -4.55 26.88
N VAL C 74 20.44 -5.32 25.92
CA VAL C 74 19.54 -4.88 24.85
C VAL C 74 18.43 -5.88 24.60
N THR C 75 17.36 -5.45 23.94
CA THR C 75 16.29 -6.32 23.45
C THR C 75 16.55 -6.63 21.99
N VAL C 76 16.49 -7.90 21.59
CA VAL C 76 16.51 -8.31 20.19
C VAL C 76 15.17 -8.93 19.83
N ARG C 77 14.52 -8.42 18.79
CA ARG C 77 13.30 -8.96 18.21
C ARG C 77 13.66 -9.71 16.94
N ARG C 78 13.28 -10.99 16.84
CA ARG C 78 13.63 -11.85 15.70
C ARG C 78 12.39 -12.40 15.03
N ILE C 79 12.28 -12.30 13.71
CA ILE C 79 11.23 -12.92 12.90
C ILE C 79 11.86 -13.79 11.82
N ASN C 80 11.50 -15.07 11.73
CA ASN C 80 11.91 -15.92 10.62
C ASN C 80 11.17 -15.52 9.33
N LEU C 81 11.87 -15.02 8.31
CA LEU C 81 11.24 -14.55 7.09
C LEU C 81 10.82 -15.68 6.14
N GLU C 82 11.27 -16.92 6.30
CA GLU C 82 10.77 -18.03 5.48
C GLU C 82 9.30 -18.37 5.82
N ALA C 83 8.86 -18.08 7.05
CA ALA C 83 7.47 -18.20 7.46
C ALA C 83 6.56 -17.07 6.93
N CYS C 84 7.10 -16.03 6.30
CA CYS C 84 6.37 -14.84 5.86
C CYS C 84 6.04 -14.87 4.36
N SER C 85 4.79 -14.57 3.99
CA SER C 85 4.41 -14.26 2.60
C SER C 85 4.99 -12.92 2.14
N ASN C 86 4.93 -12.63 0.84
CA ASN C 86 5.46 -11.37 0.29
C ASN C 86 4.70 -10.13 0.80
N GLU C 87 3.42 -10.28 1.14
CA GLU C 87 2.64 -9.26 1.82
C GLU C 87 3.16 -9.01 3.25
N MET C 88 3.43 -10.06 4.03
CA MET C 88 3.96 -9.93 5.38
C MET C 88 5.36 -9.32 5.38
N VAL C 89 6.26 -9.74 4.49
CA VAL C 89 7.60 -9.11 4.37
C VAL C 89 7.49 -7.62 4.01
N THR C 90 6.55 -7.24 3.14
CA THR C 90 6.32 -5.82 2.81
C THR C 90 5.74 -5.04 4.00
N PHE C 91 4.88 -5.65 4.81
CA PHE C 91 4.33 -5.06 6.03
C PHE C 91 5.39 -4.84 7.12
N LEU C 92 6.38 -5.72 7.24
CA LEU C 92 7.51 -5.54 8.16
C LEU C 92 8.45 -4.42 7.72
N GLN C 93 8.66 -4.21 6.42
CA GLN C 93 9.50 -3.10 5.93
C GLN C 93 8.90 -1.71 6.19
N GLY C 94 7.57 -1.57 6.25
CA GLY C 94 6.92 -0.29 6.56
C GLY C 94 7.18 0.20 7.99
N GLU C 95 7.30 -0.70 8.97
CA GLU C 95 7.66 -0.38 10.36
C GLU C 95 9.05 0.26 10.47
N LEU C 96 9.99 -0.17 9.63
CA LEU C 96 11.37 0.33 9.60
C LEU C 96 11.50 1.72 8.98
N HIS C 97 10.59 2.10 8.08
CA HIS C 97 10.49 3.45 7.55
C HIS C 97 9.92 4.41 8.59
N VAL C 98 8.79 4.05 9.22
CA VAL C 98 8.13 4.89 10.23
C VAL C 98 8.98 5.09 11.48
N SER C 99 9.62 4.04 12.00
CA SER C 99 10.53 4.14 13.15
C SER C 99 11.79 4.98 12.92
N LYS C 100 12.08 5.38 11.68
CA LYS C 100 13.12 6.38 11.34
C LYS C 100 12.61 7.81 11.18
N LEU C 101 11.31 8.02 10.92
CA LEU C 101 10.70 9.35 10.79
C LEU C 101 10.40 10.04 12.13
N PHE C 102 10.31 9.29 13.22
CA PHE C 102 9.96 9.80 14.54
C PHE C 102 11.18 9.91 15.45
N ASN C 103 11.29 11.01 16.18
CA ASN C 103 12.26 11.22 17.25
C ASN C 103 11.58 11.99 18.38
N HIS C 104 11.08 11.27 19.38
CA HIS C 104 10.39 11.82 20.54
C HIS C 104 10.80 11.06 21.82
N PRO C 105 10.93 11.71 22.99
CA PRO C 105 11.31 11.06 24.24
C PRO C 105 10.45 9.86 24.68
N ASN C 106 9.18 9.79 24.28
CA ASN C 106 8.22 8.76 24.69
C ASN C 106 7.88 7.73 23.59
N ILE C 107 8.70 7.62 22.54
CA ILE C 107 8.59 6.60 21.51
C ILE C 107 9.85 5.74 21.54
N VAL C 108 9.75 4.41 21.44
CA VAL C 108 10.93 3.53 21.56
C VAL C 108 11.95 3.77 20.44
N PRO C 109 13.23 4.02 20.75
CA PRO C 109 14.28 4.15 19.74
C PRO C 109 14.78 2.78 19.27
N TYR C 110 14.99 2.62 17.96
CA TYR C 110 15.51 1.40 17.35
C TYR C 110 17.01 1.59 17.12
N ARG C 111 17.84 0.69 17.65
CA ARG C 111 19.31 0.82 17.70
C ARG C 111 20.00 0.22 16.48
N ALA C 112 19.49 -0.88 15.93
CA ALA C 112 20.02 -1.53 14.73
C ALA C 112 18.94 -2.39 14.05
N THR C 113 19.12 -2.71 12.78
CA THR C 113 18.25 -3.63 12.03
C THR C 113 19.04 -4.35 10.93
N PHE C 114 19.00 -5.68 10.88
CA PHE C 114 19.79 -6.46 9.92
C PHE C 114 19.19 -7.86 9.69
N ILE C 115 19.70 -8.58 8.69
CA ILE C 115 19.32 -9.96 8.38
C ILE C 115 20.41 -10.91 8.88
N ALA C 116 20.04 -11.94 9.65
CA ALA C 116 20.93 -13.02 10.05
C ALA C 116 20.33 -14.38 9.67
N ASP C 117 20.99 -15.09 8.75
CA ASP C 117 20.44 -16.27 8.04
C ASP C 117 19.06 -16.00 7.43
N ASN C 118 18.00 -16.67 7.89
CA ASN C 118 16.61 -16.42 7.48
C ASN C 118 15.91 -15.27 8.23
N GLU C 119 16.50 -14.72 9.30
CA GLU C 119 15.76 -13.94 10.30
C GLU C 119 15.99 -12.44 10.19
N LEU C 120 14.92 -11.65 10.21
CA LEU C 120 15.00 -10.20 10.44
C LEU C 120 15.26 -9.96 11.93
N TRP C 121 16.40 -9.35 12.26
CA TRP C 121 16.75 -8.95 13.62
C TRP C 121 16.61 -7.44 13.79
N VAL C 122 15.83 -7.01 14.77
CA VAL C 122 15.69 -5.61 15.21
C VAL C 122 16.18 -5.47 16.65
N VAL C 123 17.03 -4.49 16.93
CA VAL C 123 17.63 -4.25 18.25
C VAL C 123 17.07 -2.98 18.86
N THR C 124 16.72 -2.97 20.13
CA THR C 124 16.33 -1.76 20.88
C THR C 124 16.98 -1.75 22.26
N SER C 125 16.97 -0.61 22.95
CA SER C 125 17.24 -0.62 24.39
C SER C 125 16.19 -1.44 25.15
N PHE C 126 16.56 -1.94 26.33
CA PHE C 126 15.77 -2.87 27.13
C PHE C 126 15.02 -2.14 28.25
N MET C 127 13.71 -2.34 28.33
CA MET C 127 12.85 -1.65 29.31
C MET C 127 12.63 -2.54 30.53
N ALA C 128 13.31 -2.26 31.63
CA ALA C 128 13.50 -3.19 32.74
C ALA C 128 12.23 -3.68 33.48
N TYR C 129 11.12 -2.95 33.43
CA TYR C 129 9.83 -3.38 34.01
C TYR C 129 8.95 -4.14 33.01
N GLY C 130 9.35 -4.25 31.74
CA GLY C 130 8.52 -4.82 30.67
C GLY C 130 7.44 -3.86 30.20
N SER C 131 6.32 -4.42 29.74
CA SER C 131 5.12 -3.66 29.37
C SER C 131 4.22 -3.38 30.58
N ALA C 132 3.27 -2.45 30.48
CA ALA C 132 2.28 -2.24 31.53
C ALA C 132 1.40 -3.48 31.77
N LYS C 133 1.17 -4.28 30.73
CA LYS C 133 0.50 -5.59 30.81
C LYS C 133 1.29 -6.62 31.61
N ASP C 134 2.61 -6.69 31.46
CA ASP C 134 3.46 -7.61 32.23
C ASP C 134 3.40 -7.34 33.74
N LEU C 135 3.26 -6.07 34.14
CA LEU C 135 3.06 -5.69 35.54
C LEU C 135 1.70 -6.16 36.07
N ILE C 136 0.63 -5.99 35.30
CA ILE C 136 -0.71 -6.47 35.67
C ILE C 136 -0.74 -7.98 35.81
N CYS C 137 -0.14 -8.72 34.88
CA CYS C 137 -0.14 -10.19 34.90
C CYS C 137 0.75 -10.80 35.99
N THR C 138 1.55 -10.00 36.71
CA THR C 138 2.53 -10.49 37.70
C THR C 138 2.36 -9.89 39.09
N HIS C 139 2.07 -8.59 39.21
CA HIS C 139 2.09 -7.84 40.48
C HIS C 139 0.86 -6.96 40.74
N PHE C 140 0.01 -6.72 39.74
CA PHE C 140 -1.18 -5.85 39.85
C PHE C 140 -2.43 -6.48 39.22
N MET C 141 -2.74 -7.72 39.61
CA MET C 141 -3.78 -8.54 38.96
C MET C 141 -5.21 -7.99 39.10
N ASP C 142 -5.48 -7.15 40.10
CA ASP C 142 -6.78 -6.51 40.35
C ASP C 142 -6.84 -5.04 39.87
N GLY C 143 -5.83 -4.59 39.12
CA GLY C 143 -5.66 -3.23 38.60
C GLY C 143 -4.60 -2.41 39.32
N MET C 144 -4.09 -1.38 38.65
CA MET C 144 -3.08 -0.43 39.17
C MET C 144 -3.69 0.69 40.04
N ASN C 145 -2.82 1.40 40.76
CA ASN C 145 -3.16 2.62 41.51
C ASN C 145 -3.43 3.83 40.58
N GLU C 146 -4.39 4.70 40.92
CA GLU C 146 -4.77 5.83 40.06
C GLU C 146 -3.59 6.76 39.71
N LEU C 147 -2.69 7.04 40.65
CA LEU C 147 -1.55 7.93 40.39
C LEU C 147 -0.54 7.30 39.44
N ALA C 148 -0.33 5.98 39.49
CA ALA C 148 0.51 5.28 38.53
C ALA C 148 -0.09 5.30 37.13
N ILE C 149 -1.41 5.16 37.01
CA ILE C 149 -2.13 5.28 35.74
C ILE C 149 -2.00 6.70 35.18
N ALA C 150 -2.07 7.74 36.02
CA ALA C 150 -1.87 9.12 35.58
C ALA C 150 -0.48 9.33 34.96
N TYR C 151 0.60 8.88 35.61
CA TYR C 151 1.94 8.98 35.03
C TYR C 151 2.05 8.24 33.69
N ILE C 152 1.51 7.03 33.58
CA ILE C 152 1.56 6.24 32.36
C ILE C 152 0.78 6.92 31.22
N LEU C 153 -0.48 7.30 31.43
CA LEU C 153 -1.31 7.87 30.36
C LEU C 153 -0.85 9.27 29.93
N GLN C 154 -0.23 10.06 30.81
CA GLN C 154 0.38 11.31 30.40
C GLN C 154 1.52 11.09 29.39
N GLY C 155 2.37 10.09 29.61
CA GLY C 155 3.44 9.72 28.68
C GLY C 155 2.92 9.19 27.34
N VAL C 156 1.83 8.44 27.34
CA VAL C 156 1.17 7.94 26.12
C VAL C 156 0.56 9.08 25.29
N LEU C 157 -0.17 10.00 25.93
CA LEU C 157 -0.76 11.15 25.24
C LEU C 157 0.29 12.11 24.69
N LYS C 158 1.43 12.31 25.38
CA LYS C 158 2.57 13.06 24.84
C LYS C 158 3.17 12.44 23.58
N ALA C 159 3.25 11.11 23.47
CA ALA C 159 3.68 10.44 22.26
C ALA C 159 2.65 10.54 21.13
N LEU C 160 1.35 10.34 21.41
CA LEU C 160 0.30 10.48 20.41
C LEU C 160 0.18 11.91 19.87
N ASP C 161 0.32 12.94 20.70
CA ASP C 161 0.29 14.33 20.25
C ASP C 161 1.38 14.65 19.20
N TYR C 162 2.57 14.07 19.33
CA TYR C 162 3.62 14.14 18.31
C TYR C 162 3.21 13.39 17.03
N ILE C 163 2.79 12.14 17.13
CA ILE C 163 2.41 11.29 15.98
C ILE C 163 1.25 11.90 15.18
N HIS C 164 0.23 12.45 15.84
CA HIS C 164 -0.90 13.13 15.19
C HIS C 164 -0.48 14.44 14.51
N HIS C 165 0.49 15.18 15.05
CA HIS C 165 1.07 16.36 14.40
C HIS C 165 1.89 16.00 13.15
N MET C 166 2.61 14.87 13.15
CA MET C 166 3.33 14.35 11.98
C MET C 166 2.42 13.90 10.82
N GLY C 167 1.09 13.85 11.00
CA GLY C 167 0.13 13.45 9.97
C GLY C 167 -0.16 11.94 9.92
N TYR C 168 0.04 11.22 11.03
CA TYR C 168 -0.18 9.78 11.14
C TYR C 168 -1.33 9.44 12.08
N VAL C 169 -1.94 8.28 11.86
CA VAL C 169 -2.85 7.62 12.80
C VAL C 169 -2.10 6.41 13.35
N HIS C 170 -1.78 6.40 14.64
CA HIS C 170 -1.37 5.17 15.32
C HIS C 170 -2.59 4.24 15.34
N ARG C 171 -2.40 2.94 15.36
CA ARG C 171 -3.49 1.98 15.56
C ARG C 171 -2.92 0.95 16.53
N SER C 172 -3.72 0.24 17.32
CA SER C 172 -3.21 -0.56 18.46
C SER C 172 -2.52 0.23 19.59
N VAL C 173 -3.13 1.30 20.13
CA VAL C 173 -2.77 1.73 21.50
C VAL C 173 -3.38 0.72 22.49
N LYS C 174 -2.55 -0.03 23.20
CA LYS C 174 -2.97 -1.06 24.17
C LYS C 174 -1.93 -1.25 25.26
N ALA C 175 -2.27 -1.78 26.43
CA ALA C 175 -1.33 -1.92 27.55
C ALA C 175 -0.11 -2.83 27.28
N SER C 176 -0.15 -3.70 26.29
CA SER C 176 1.01 -4.47 25.80
C SER C 176 2.05 -3.63 25.07
N HIS C 177 1.65 -2.49 24.48
CA HIS C 177 2.48 -1.60 23.68
C HIS C 177 3.05 -0.41 24.46
N ILE C 178 2.83 -0.34 25.77
CA ILE C 178 3.37 0.68 26.67
C ILE C 178 4.47 0.03 27.48
N LEU C 179 5.70 0.54 27.45
CA LEU C 179 6.88 -0.04 28.11
C LEU C 179 7.46 0.92 29.15
N ILE C 180 8.02 0.40 30.24
CA ILE C 180 8.52 1.21 31.37
C ILE C 180 9.99 0.88 31.68
N SER C 181 10.89 1.87 31.70
CA SER C 181 12.31 1.70 32.00
C SER C 181 12.61 1.71 33.51
N VAL C 182 13.81 1.27 33.93
CA VAL C 182 14.20 1.21 35.36
C VAL C 182 14.18 2.58 36.05
N ASP C 183 14.47 3.65 35.31
CA ASP C 183 14.40 5.04 35.75
C ASP C 183 12.99 5.66 35.57
N GLY C 184 11.95 4.84 35.35
CA GLY C 184 10.56 5.26 35.35
C GLY C 184 10.06 6.01 34.10
N LYS C 185 10.82 6.02 32.99
CA LYS C 185 10.35 6.61 31.73
C LYS C 185 9.38 5.67 31.01
N VAL C 186 8.33 6.23 30.42
CA VAL C 186 7.26 5.48 29.73
C VAL C 186 7.35 5.67 28.22
N TYR C 187 7.31 4.59 27.45
CA TYR C 187 7.44 4.57 25.99
C TYR C 187 6.26 3.88 25.30
N LEU C 188 5.71 4.49 24.25
CA LEU C 188 4.75 3.90 23.32
C LEU C 188 5.49 3.17 22.18
N SER C 189 5.01 1.99 21.74
CA SER C 189 5.83 1.08 20.90
C SER C 189 5.12 0.34 19.75
N GLY C 190 3.88 0.65 19.41
CA GLY C 190 3.09 -0.14 18.44
C GLY C 190 3.29 0.21 16.96
N LEU C 191 4.47 0.66 16.53
CA LEU C 191 4.67 1.41 15.27
C LEU C 191 4.39 0.63 13.98
N ARG C 192 4.27 -0.70 14.01
CA ARG C 192 3.92 -1.54 12.85
C ARG C 192 2.53 -1.22 12.30
N SER C 193 1.63 -0.81 13.17
CA SER C 193 0.22 -0.56 12.89
C SER C 193 -0.08 0.82 12.29
N ASN C 194 0.87 1.75 12.25
CA ASN C 194 0.65 3.15 11.88
C ASN C 194 0.28 3.35 10.41
N LEU C 195 -0.59 4.33 10.14
CA LEU C 195 -1.01 4.70 8.79
C LEU C 195 -0.83 6.20 8.56
N SER C 196 -0.27 6.61 7.42
CA SER C 196 -0.20 8.01 7.04
C SER C 196 -1.54 8.55 6.56
N MET C 197 -1.92 9.76 6.97
CA MET C 197 -3.05 10.48 6.36
C MET C 197 -2.65 11.35 5.17
N ILE C 198 -1.36 11.48 4.86
CA ILE C 198 -0.88 12.22 3.68
C ILE C 198 -1.02 11.35 2.43
N SER C 199 -1.68 11.83 1.39
CA SER C 199 -1.79 11.15 0.10
C SER C 199 -1.61 12.15 -1.05
N HIS C 200 -0.72 11.83 -2.00
CA HIS C 200 -0.31 12.73 -3.11
C HIS C 200 0.10 14.13 -2.64
N GLY C 201 0.76 14.21 -1.48
CA GLY C 201 1.17 15.45 -0.83
C GLY C 201 0.10 16.18 -0.02
N GLN C 202 -1.16 15.74 -0.02
CA GLN C 202 -2.26 16.40 0.69
C GLN C 202 -2.62 15.65 1.98
N ARG C 203 -2.77 16.33 3.12
CA ARG C 203 -3.29 15.74 4.35
C ARG C 203 -4.80 15.51 4.19
N GLN C 204 -5.22 14.26 4.13
CA GLN C 204 -6.62 13.87 3.96
C GLN C 204 -7.45 14.10 5.24
N ARG C 205 -8.74 14.41 5.11
CA ARG C 205 -9.65 14.62 6.25
C ARG C 205 -9.91 13.33 7.04
N VAL C 206 -10.08 12.21 6.32
CA VAL C 206 -10.35 10.86 6.84
C VAL C 206 -9.65 9.81 5.98
N VAL C 207 -9.51 8.60 6.51
CA VAL C 207 -8.92 7.44 5.82
C VAL C 207 -9.82 6.21 5.99
N HIS C 208 -9.65 5.21 5.12
CA HIS C 208 -10.58 4.09 4.97
C HIS C 208 -9.91 2.71 5.01
N ASP C 209 -8.58 2.61 5.10
CA ASP C 209 -7.85 1.33 5.21
C ASP C 209 -8.23 0.58 6.48
N PHE C 210 -8.75 -0.64 6.38
CA PHE C 210 -9.00 -1.51 7.53
C PHE C 210 -7.67 -2.14 7.99
N PRO C 211 -7.29 -2.06 9.29
CA PRO C 211 -5.95 -2.45 9.73
C PRO C 211 -5.63 -3.94 9.51
N LYS C 212 -4.58 -4.23 8.73
CA LYS C 212 -4.06 -5.57 8.46
C LYS C 212 -3.45 -6.22 9.70
N TYR C 213 -3.47 -7.56 9.77
CA TYR C 213 -2.81 -8.36 10.82
C TYR C 213 -3.21 -7.93 12.24
N SER C 214 -4.49 -7.64 12.46
CA SER C 214 -5.02 -6.93 13.63
C SER C 214 -5.95 -7.73 14.54
N VAL C 215 -6.04 -9.06 14.38
CA VAL C 215 -6.99 -9.91 15.14
C VAL C 215 -6.84 -9.76 16.66
N LYS C 216 -5.61 -9.62 17.16
CA LYS C 216 -5.31 -9.44 18.60
C LYS C 216 -5.63 -8.05 19.14
N VAL C 217 -6.01 -7.10 18.28
CA VAL C 217 -6.21 -5.67 18.57
C VAL C 217 -7.69 -5.28 18.56
N LEU C 218 -8.59 -6.10 18.02
CA LEU C 218 -9.99 -5.72 17.78
C LEU C 218 -10.73 -5.09 18.98
N PRO C 219 -10.56 -5.51 20.25
CA PRO C 219 -11.21 -4.85 21.39
C PRO C 219 -10.88 -3.36 21.55
N TRP C 220 -9.66 -2.94 21.24
CA TRP C 220 -9.20 -1.55 21.38
C TRP C 220 -9.54 -0.65 20.19
N LEU C 221 -9.93 -1.18 19.03
CA LEU C 221 -10.34 -0.38 17.87
C LEU C 221 -11.71 0.27 18.09
N SER C 222 -11.89 1.49 17.58
CA SER C 222 -13.13 2.25 17.76
C SER C 222 -14.25 1.81 16.81
N PRO C 223 -15.53 2.10 17.11
CA PRO C 223 -16.63 1.75 16.22
C PRO C 223 -16.45 2.26 14.79
N GLU C 224 -16.00 3.49 14.58
CA GLU C 224 -15.83 4.05 13.24
C GLU C 224 -14.70 3.41 12.42
N VAL C 225 -13.72 2.74 13.03
CA VAL C 225 -12.73 1.90 12.32
C VAL C 225 -13.35 0.58 11.89
N LEU C 226 -14.17 -0.05 12.73
CA LEU C 226 -14.79 -1.35 12.43
C LEU C 226 -15.96 -1.26 11.44
N GLN C 227 -16.65 -0.13 11.33
CA GLN C 227 -17.83 0.03 10.46
C GLN C 227 -17.54 -0.11 8.95
N GLN C 228 -16.34 0.24 8.48
CA GLN C 228 -15.90 0.05 7.08
C GLN C 228 -16.87 0.63 6.03
N ASN C 229 -17.38 1.84 6.26
CA ASN C 229 -18.39 2.52 5.42
C ASN C 229 -17.85 3.84 4.81
N LEU C 230 -18.72 4.66 4.21
CA LEU C 230 -18.32 5.92 3.57
C LEU C 230 -17.88 7.05 4.53
N GLN C 231 -17.99 6.91 5.86
CA GLN C 231 -17.52 7.93 6.80
C GLN C 231 -16.01 7.99 6.96
N GLY C 232 -15.31 6.86 6.94
CA GLY C 232 -13.89 6.77 7.28
C GLY C 232 -13.60 7.11 8.75
N TYR C 233 -12.32 7.24 9.08
CA TYR C 233 -11.84 7.58 10.42
C TYR C 233 -10.64 8.53 10.36
N ASP C 234 -10.29 9.12 11.49
CA ASP C 234 -9.13 10.01 11.62
C ASP C 234 -8.42 9.82 12.98
N ALA C 235 -7.55 10.74 13.37
CA ALA C 235 -6.80 10.72 14.62
C ALA C 235 -7.67 10.65 15.90
N LYS C 236 -8.97 11.01 15.87
CA LYS C 236 -9.86 10.83 17.03
C LYS C 236 -10.12 9.37 17.38
N SER C 237 -9.74 8.42 16.53
CA SER C 237 -9.87 6.99 16.79
C SER C 237 -8.90 6.48 17.87
N ASP C 238 -7.75 7.12 18.09
CA ASP C 238 -6.83 6.77 19.18
C ASP C 238 -7.30 7.20 20.56
N ILE C 239 -8.10 8.26 20.63
CA ILE C 239 -8.65 8.77 21.88
C ILE C 239 -9.66 7.78 22.48
N TYR C 240 -10.27 6.92 21.65
CA TYR C 240 -11.05 5.77 22.08
C TYR C 240 -10.15 4.68 22.68
N SER C 241 -9.08 4.28 22.01
CA SER C 241 -8.16 3.24 22.47
C SER C 241 -7.42 3.60 23.76
N VAL C 242 -7.15 4.90 24.01
CA VAL C 242 -6.67 5.39 25.31
C VAL C 242 -7.72 5.18 26.41
N GLY C 243 -9.02 5.37 26.12
CA GLY C 243 -10.10 5.08 27.07
C GLY C 243 -10.26 3.59 27.37
N ILE C 244 -10.11 2.72 26.37
CA ILE C 244 -10.11 1.27 26.57
C ILE C 244 -8.87 0.84 27.37
N THR C 245 -7.71 1.41 27.09
CA THR C 245 -6.48 1.15 27.86
C THR C 245 -6.58 1.65 29.29
N ALA C 246 -7.17 2.81 29.54
CA ALA C 246 -7.41 3.32 30.88
C ALA C 246 -8.30 2.38 31.71
N CYS C 247 -9.35 1.83 31.10
CA CYS C 247 -10.17 0.79 31.73
C CYS C 247 -9.37 -0.48 32.00
N GLU C 248 -8.54 -0.92 31.07
CA GLU C 248 -7.69 -2.10 31.24
C GLU C 248 -6.68 -1.96 32.38
N LEU C 249 -5.98 -0.82 32.51
CA LEU C 249 -5.04 -0.61 33.61
C LEU C 249 -5.77 -0.49 34.98
N ALA C 250 -6.94 0.13 35.02
CA ALA C 250 -7.73 0.31 36.23
C ALA C 250 -8.46 -0.96 36.71
N ASN C 251 -9.02 -1.75 35.80
CA ASN C 251 -9.78 -2.97 36.11
C ASN C 251 -8.92 -4.24 36.15
N GLY C 252 -7.77 -4.24 35.49
CA GLY C 252 -6.86 -5.40 35.39
C GLY C 252 -7.23 -6.39 34.27
N HIS C 253 -8.42 -6.29 33.69
CA HIS C 253 -8.84 -7.03 32.51
C HIS C 253 -9.41 -6.08 31.45
N VAL C 254 -9.18 -6.38 30.17
CA VAL C 254 -9.71 -5.58 29.06
C VAL C 254 -11.24 -5.65 28.99
N PRO C 255 -11.94 -4.59 28.60
CA PRO C 255 -13.33 -4.68 28.14
C PRO C 255 -13.54 -5.73 27.05
N PHE C 256 -14.72 -6.33 26.95
CA PHE C 256 -15.03 -7.34 25.92
C PHE C 256 -14.10 -8.58 25.92
N LYS C 257 -13.56 -9.00 27.08
CA LYS C 257 -12.50 -10.03 27.15
C LYS C 257 -12.91 -11.40 26.62
N ASP C 258 -14.02 -11.94 27.14
CA ASP C 258 -14.44 -13.33 26.86
C ASP C 258 -15.28 -13.46 25.58
N MET C 259 -15.72 -12.35 24.99
CA MET C 259 -16.61 -12.33 23.83
C MET C 259 -15.95 -12.86 22.55
N PRO C 260 -16.64 -13.66 21.73
CA PRO C 260 -16.31 -13.82 20.33
C PRO C 260 -16.33 -12.47 19.60
N ALA C 261 -15.47 -12.28 18.59
CA ALA C 261 -15.28 -10.98 17.96
C ALA C 261 -16.57 -10.40 17.38
N THR C 262 -17.46 -11.24 16.86
CA THR C 262 -18.80 -10.89 16.36
C THR C 262 -19.76 -10.41 17.45
N GLN C 263 -19.64 -10.88 18.70
CA GLN C 263 -20.44 -10.36 19.82
C GLN C 263 -19.94 -9.00 20.27
N MET C 264 -18.61 -8.84 20.33
CA MET C 264 -17.99 -7.57 20.64
C MET C 264 -18.28 -6.51 19.57
N LEU C 265 -18.31 -6.87 18.29
CA LEU C 265 -18.78 -5.97 17.23
C LEU C 265 -20.23 -5.56 17.44
N LEU C 266 -21.11 -6.51 17.77
CA LEU C 266 -22.50 -6.20 18.06
C LEU C 266 -22.64 -5.24 19.24
N GLU C 267 -21.95 -5.46 20.35
CA GLU C 267 -21.98 -4.57 21.51
C GLU C 267 -21.38 -3.19 21.21
N LYS C 268 -20.30 -3.08 20.43
CA LYS C 268 -19.81 -1.79 19.94
C LYS C 268 -20.85 -1.07 19.07
N LEU C 269 -21.47 -1.76 18.11
CA LEU C 269 -22.45 -1.15 17.20
C LEU C 269 -23.74 -0.74 17.91
N ASN C 270 -24.26 -1.54 18.85
CA ASN C 270 -25.38 -1.19 19.71
C ASN C 270 -25.04 -0.13 20.79
N GLY C 271 -23.76 0.26 20.91
CA GLY C 271 -23.32 1.43 21.68
C GLY C 271 -22.91 1.15 23.13
N THR C 272 -22.67 -0.10 23.53
CA THR C 272 -22.21 -0.45 24.88
C THR C 272 -20.81 0.10 25.14
N VAL C 273 -20.70 1.02 26.10
CA VAL C 273 -19.45 1.66 26.52
C VAL C 273 -18.97 1.07 27.85
N PRO C 274 -17.73 0.58 27.95
CA PRO C 274 -17.15 0.08 29.21
C PRO C 274 -16.69 1.22 30.13
N CYS C 275 -16.72 1.01 31.44
CA CYS C 275 -16.30 1.99 32.45
C CYS C 275 -15.58 1.36 33.65
N LEU C 276 -14.99 2.19 34.51
CA LEU C 276 -14.23 1.78 35.70
C LEU C 276 -15.09 0.97 36.69
N LEU C 277 -14.54 -0.10 37.27
CA LEU C 277 -15.20 -0.88 38.32
C LEU C 277 -14.71 -0.45 39.71
N ASP C 278 -15.52 0.33 40.41
CA ASP C 278 -15.30 0.72 41.80
C ASP C 278 -16.62 0.73 42.60
N THR C 279 -16.60 1.08 43.89
CA THR C 279 -17.83 1.06 44.72
C THR C 279 -18.94 2.01 44.27
N SER C 280 -18.67 2.97 43.37
CA SER C 280 -19.71 3.82 42.77
C SER C 280 -20.38 3.22 41.53
N THR C 281 -19.77 2.21 40.89
CA THR C 281 -20.24 1.61 39.63
C THR C 281 -20.61 0.12 39.75
N ILE C 282 -19.95 -0.63 40.64
CA ILE C 282 -20.26 -2.04 40.99
C ILE C 282 -20.51 -2.90 39.74
N HIS C 319 -15.31 -8.83 45.60
CA HIS C 319 -14.15 -8.86 46.48
C HIS C 319 -13.27 -7.59 46.44
N PRO C 320 -12.83 -7.07 45.28
CA PRO C 320 -11.97 -5.87 45.21
C PRO C 320 -12.73 -4.54 45.42
N TYR C 321 -14.04 -4.57 45.66
CA TYR C 321 -14.88 -3.39 45.80
C TYR C 321 -14.76 -2.76 47.21
N HIS C 322 -13.58 -2.20 47.49
CA HIS C 322 -13.27 -1.37 48.66
C HIS C 322 -12.49 -0.10 48.26
N ARG C 323 -12.80 0.44 47.07
CA ARG C 323 -12.11 1.58 46.44
C ARG C 323 -13.08 2.56 45.77
N THR C 324 -12.60 3.77 45.53
CA THR C 324 -13.15 4.71 44.54
C THR C 324 -12.02 5.34 43.74
N PHE C 325 -12.21 5.53 42.44
CA PHE C 325 -11.40 6.44 41.65
C PHE C 325 -11.92 7.87 41.79
N SER C 326 -11.07 8.87 41.57
CA SER C 326 -11.50 10.28 41.63
C SER C 326 -12.57 10.59 40.56
N PRO C 327 -13.49 11.53 40.80
CA PRO C 327 -14.39 12.03 39.77
C PRO C 327 -13.67 12.55 38.52
N HIS C 328 -12.42 13.03 38.66
CA HIS C 328 -11.59 13.42 37.53
C HIS C 328 -11.25 12.22 36.62
N PHE C 329 -10.94 11.05 37.17
CA PHE C 329 -10.68 9.85 36.36
C PHE C 329 -11.95 9.31 35.70
N HIS C 330 -13.07 9.29 36.43
CA HIS C 330 -14.39 8.96 35.85
C HIS C 330 -14.76 9.92 34.70
N HIS C 331 -14.54 11.22 34.84
CA HIS C 331 -14.77 12.18 33.75
C HIS C 331 -13.80 12.01 32.57
N PHE C 332 -12.52 11.71 32.81
CA PHE C 332 -11.54 11.47 31.74
C PHE C 332 -11.97 10.30 30.84
N VAL C 333 -12.33 9.17 31.44
CA VAL C 333 -12.76 7.97 30.68
C VAL C 333 -14.08 8.20 29.93
N GLU C 334 -14.94 9.12 30.38
CA GLU C 334 -16.16 9.53 29.67
C GLU C 334 -15.94 10.59 28.57
N GLN C 335 -14.81 11.30 28.54
CA GLN C 335 -14.44 12.19 27.42
C GLN C 335 -13.82 11.41 26.26
N CYS C 336 -12.98 10.42 26.56
CA CYS C 336 -12.77 9.27 25.69
C CYS C 336 -14.07 8.46 25.52
N LEU C 337 -14.08 7.42 24.70
CA LEU C 337 -15.22 6.49 24.54
C LEU C 337 -16.55 7.10 24.07
N GLN C 338 -16.62 8.38 23.68
CA GLN C 338 -17.79 8.96 23.06
C GLN C 338 -18.07 8.35 21.68
N ARG C 339 -19.35 8.20 21.33
CA ARG C 339 -19.83 7.63 20.06
C ARG C 339 -19.53 8.51 18.86
N ASN C 340 -19.75 9.82 18.98
CA ASN C 340 -19.41 10.79 17.93
C ASN C 340 -17.91 11.13 18.00
N PRO C 341 -17.09 10.81 16.98
CA PRO C 341 -15.66 11.12 17.00
C PRO C 341 -15.36 12.61 17.15
N ASP C 342 -16.20 13.51 16.61
CA ASP C 342 -15.96 14.95 16.66
C ASP C 342 -16.15 15.55 18.06
N ALA C 343 -16.88 14.86 18.95
CA ALA C 343 -17.05 15.26 20.33
C ALA C 343 -15.86 14.87 21.23
N ARG C 344 -14.98 13.96 20.79
CA ARG C 344 -13.78 13.55 21.55
C ARG C 344 -12.73 14.68 21.57
N PRO C 345 -12.08 14.96 22.70
CA PRO C 345 -10.99 15.94 22.76
C PRO C 345 -9.73 15.45 22.05
N SER C 346 -8.90 16.35 21.51
CA SER C 346 -7.59 16.02 20.94
C SER C 346 -6.56 15.65 22.02
N ALA C 347 -5.46 14.99 21.65
CA ALA C 347 -4.42 14.58 22.60
C ALA C 347 -3.79 15.75 23.36
N SER C 348 -3.61 16.90 22.72
CA SER C 348 -3.15 18.14 23.36
C SER C 348 -4.18 18.77 24.28
N THR C 349 -5.48 18.58 24.03
CA THR C 349 -6.55 19.00 24.95
C THR C 349 -6.59 18.12 26.19
N LEU C 350 -6.43 16.79 26.05
CA LEU C 350 -6.43 15.88 27.19
C LEU C 350 -5.27 16.10 28.16
N LEU C 351 -4.09 16.53 27.69
CA LEU C 351 -2.96 16.80 28.59
C LEU C 351 -3.21 17.98 29.54
N ASN C 352 -4.19 18.83 29.28
CA ASN C 352 -4.65 19.89 30.18
C ASN C 352 -5.74 19.42 31.17
N HIS C 353 -6.26 18.21 31.03
CA HIS C 353 -7.40 17.72 31.81
C HIS C 353 -7.05 17.56 33.30
N SER C 354 -7.99 17.86 34.18
CA SER C 354 -7.79 17.94 35.63
C SER C 354 -7.36 16.62 36.29
N PHE C 355 -7.55 15.49 35.62
CA PHE C 355 -7.05 14.18 36.06
C PHE C 355 -5.52 14.15 36.25
N PHE C 356 -4.75 14.81 35.38
CA PHE C 356 -3.30 14.80 35.47
C PHE C 356 -2.72 15.78 36.50
N LYS C 357 -3.50 16.74 37.00
CA LYS C 357 -3.04 17.76 37.97
C LYS C 357 -2.77 17.21 39.37
N GLN C 358 -3.10 15.94 39.64
CA GLN C 358 -2.65 15.21 40.83
C GLN C 358 -1.16 14.78 40.77
N ILE C 359 -0.50 14.85 39.61
CA ILE C 359 0.95 14.61 39.48
C ILE C 359 1.73 15.80 40.06
N LYS C 360 2.45 15.58 41.15
CA LYS C 360 3.29 16.60 41.81
C LYS C 360 4.80 16.36 41.64
N ARG C 361 5.28 15.15 41.96
CA ARG C 361 6.70 14.73 41.84
C ARG C 361 7.10 14.41 40.39
N ARG C 362 8.40 14.38 40.11
CA ARG C 362 8.97 13.94 38.82
C ARG C 362 8.68 12.47 38.57
N ALA C 363 8.42 12.06 37.33
CA ALA C 363 8.08 10.68 36.99
C ALA C 363 9.19 9.69 37.40
N SER C 364 10.44 10.05 37.15
CA SER C 364 11.65 9.27 37.51
C SER C 364 11.95 9.22 39.02
N GLU C 365 11.30 10.05 39.85
CA GLU C 365 11.31 9.89 41.30
C GLU C 365 10.13 9.02 41.79
N ALA C 366 8.92 9.28 41.28
CA ALA C 366 7.70 8.65 41.78
C ALA C 366 7.44 7.23 41.27
N LEU C 367 7.51 6.94 39.97
CA LEU C 367 7.00 5.68 39.42
C LEU C 367 7.67 4.43 40.02
N PRO C 368 9.00 4.36 40.20
CA PRO C 368 9.64 3.24 40.90
C PRO C 368 9.10 2.97 42.32
N GLU C 369 8.65 4.00 43.05
CA GLU C 369 8.00 3.87 44.36
C GLU C 369 6.54 3.42 44.24
N LEU C 370 5.79 3.95 43.27
CA LEU C 370 4.41 3.51 43.01
C LEU C 370 4.35 2.02 42.60
N LEU C 371 5.42 1.51 41.98
CA LEU C 371 5.61 0.11 41.64
C LEU C 371 6.35 -0.71 42.73
N ARG C 372 6.45 -0.24 43.98
CA ARG C 372 7.29 -0.88 45.04
C ARG C 372 7.14 -2.41 45.23
N PRO C 373 5.97 -3.05 45.06
CA PRO C 373 5.86 -4.52 45.09
C PRO C 373 6.68 -5.27 44.00
N VAL C 374 7.03 -4.61 42.90
CA VAL C 374 7.73 -5.17 41.73
C VAL C 374 9.25 -5.21 41.94
N THR C 375 9.93 -6.19 41.32
CA THR C 375 11.40 -6.20 41.17
C THR C 375 11.75 -5.93 39.70
N PRO C 376 12.53 -4.87 39.37
CA PRO C 376 12.97 -4.61 38.00
C PRO C 376 14.06 -5.59 37.58
N ILE C 377 14.17 -5.89 36.28
CA ILE C 377 15.21 -6.79 35.76
C ILE C 377 16.56 -6.05 35.68
N THR C 378 17.55 -6.53 36.44
CA THR C 378 18.96 -6.05 36.44
C THR C 378 19.93 -7.20 36.69
PB ADP D . 3.77 -7.47 18.87
O1B ADP D . 4.22 -8.07 17.59
O2B ADP D . 3.36 -6.09 18.52
O3B ADP D . 2.58 -8.22 19.33
PA ADP D . 5.25 -6.43 21.00
O1A ADP D . 6.01 -5.26 20.48
O2A ADP D . 4.10 -6.01 21.83
O3A ADP D . 4.94 -7.53 19.92
O5' ADP D . 6.24 -7.32 21.90
C5' ADP D . 5.71 -8.39 22.70
C4' ADP D . 6.08 -8.23 24.21
O4' ADP D . 7.51 -8.27 24.37
C3' ADP D . 5.68 -6.91 24.88
O3' ADP D . 4.28 -6.80 25.18
C2' ADP D . 6.59 -6.94 26.12
O2' ADP D . 6.11 -7.92 27.06
C1' ADP D . 7.91 -7.44 25.50
N9 ADP D . 8.78 -6.38 25.00
C8 ADP D . 8.94 -5.95 23.68
N7 ADP D . 9.93 -5.04 23.54
C5 ADP D . 10.39 -4.94 24.82
C6 ADP D . 11.45 -4.18 25.29
N6 ADP D . 12.23 -3.43 24.52
N1 ADP D . 11.82 -4.19 26.56
C2 ADP D . 11.09 -4.98 27.36
N3 ADP D . 10.05 -5.75 26.99
C4 ADP D . 9.74 -5.71 25.70
#